data_3EE1
#
_entry.id   3EE1
#
_cell.length_a   150.252
_cell.length_b   170.910
_cell.length_c   46.165
_cell.angle_alpha   90.00
_cell.angle_beta   104.89
_cell.angle_gamma   90.00
#
_symmetry.space_group_name_H-M   'C 1 2 1'
#
_entity_poly.entity_id   1
_entity_poly.type   'polypeptide(L)'
_entity_poly.pdbx_seq_one_letter_code
;EVASYCDRVVAAVSSW(MSE)STVKSTTEVSWNKLSFCDVLLKIITFGIYSPHETLAEKYSEKKL(MSE)DSFSPSLSQD
K(MSE)DGEFAHANIDGISIRLCLNKGICSVFYLDGDKIQSTQLSSKEYNNLLSSLPPKQFNLGKVHTITAPVSGNFKTH
KPAPEVIETAINCCTSIIPNDDYFPVKDTDFNSVWHDIYRDIRASDSNSTKIYFNNIEIPLKLIADLINELGINEFIDSK
KELQ(MSE)LSYNQLNKIINSNFPQQDLCFQTEKLLFTSLFQDPAFISALTSAFWQSLHITSSSVEHIYAQI(MSE)SEN
IENRLNF(MSE)PEQRVINNCGHIIKINAVVPKNDTAISASGGRAYEVSSSILPSHITCNGVGINKIETSYLVHAGTLPS
SEGLRNAIPPESRQVSFAIISPDV
;
_entity_poly.pdbx_strand_id   A,B
#
# COMPACT_ATOMS: atom_id res chain seq x y z
N GLU A 1 -23.41 32.18 27.79
CA GLU A 1 -23.51 33.56 27.35
C GLU A 1 -22.40 33.87 26.36
N VAL A 2 -21.16 33.59 26.76
CA VAL A 2 -20.01 33.92 25.94
C VAL A 2 -20.14 33.44 24.47
N ALA A 3 -20.42 32.15 24.28
CA ALA A 3 -20.51 31.57 22.93
C ALA A 3 -21.82 30.76 22.69
N SER A 4 -22.92 31.27 23.28
CA SER A 4 -24.30 30.73 23.20
C SER A 4 -24.74 29.88 21.98
N TYR A 5 -24.32 30.34 20.81
CA TYR A 5 -24.47 29.59 19.57
C TYR A 5 -23.30 30.03 18.67
N CYS A 6 -22.38 30.82 19.24
CA CYS A 6 -21.18 31.25 18.52
C CYS A 6 -20.40 30.05 17.92
N ASP A 7 -20.68 28.86 18.48
CA ASP A 7 -20.28 27.57 17.91
C ASP A 7 -21.20 27.22 16.72
N ARG A 8 -22.52 27.38 16.88
CA ARG A 8 -23.45 27.31 15.72
C ARG A 8 -22.96 28.16 14.54
N VAL A 9 -22.09 29.13 14.80
CA VAL A 9 -21.33 29.74 13.73
C VAL A 9 -20.55 28.63 13.01
N VAL A 10 -19.55 28.06 13.69
CA VAL A 10 -18.72 27.00 13.13
C VAL A 10 -19.49 25.87 12.43
N ALA A 11 -20.50 25.31 13.12
CA ALA A 11 -21.33 24.20 12.59
C ALA A 11 -22.21 24.57 11.38
N ALA A 12 -21.99 25.75 10.78
CA ALA A 12 -22.72 26.19 9.58
C ALA A 12 -21.83 27.03 8.62
N VAL A 13 -20.60 26.52 8.39
CA VAL A 13 -19.58 27.15 7.53
C VAL A 13 -18.44 26.17 7.24
N GLU A 58 -10.44 33.77 12.30
CA GLU A 58 -11.33 34.10 13.42
C GLU A 58 -11.55 32.89 14.38
N LYS A 59 -11.41 31.69 13.85
CA LYS A 59 -11.52 30.46 14.64
C LYS A 59 -10.28 30.23 15.51
N LYS A 60 -10.15 31.03 16.55
CA LYS A 60 -9.13 30.82 17.56
C LYS A 60 -9.87 30.06 18.62
N LEU A 61 -11.18 29.99 18.44
CA LEU A 61 -12.06 29.31 19.39
C LEU A 61 -11.80 27.81 19.35
N ASP A 63 -9.31 25.84 18.99
CA ASP A 63 -8.17 25.24 19.64
C ASP A 63 -8.34 25.08 21.14
N SER A 64 -9.53 25.41 21.64
CA SER A 64 -9.83 25.19 23.04
C SER A 64 -10.19 23.75 23.11
N PHE A 65 -10.62 23.24 21.96
CA PHE A 65 -11.03 21.85 21.81
C PHE A 65 -9.86 20.88 21.84
N SER A 66 -9.87 20.01 22.83
CA SER A 66 -8.83 19.01 22.92
C SER A 66 -9.47 17.65 22.92
N PRO A 67 -8.74 16.69 22.40
CA PRO A 67 -9.03 15.26 22.58
C PRO A 67 -9.41 14.95 24.05
N SER A 68 -10.63 14.49 24.23
CA SER A 68 -11.10 14.21 25.54
C SER A 68 -10.61 12.82 26.05
N LEU A 69 -9.62 12.86 26.95
CA LEU A 69 -8.87 11.66 27.32
C LEU A 69 -9.37 10.94 28.57
N SER A 70 -9.37 11.66 29.69
CA SER A 70 -9.72 11.10 31.00
C SER A 70 -10.96 10.22 30.99
N GLN A 71 -11.18 9.53 32.11
CA GLN A 71 -12.36 8.70 32.25
C GLN A 71 -13.57 9.48 32.81
N ASP A 72 -13.33 10.73 33.23
CA ASP A 72 -14.41 11.67 33.59
C ASP A 72 -15.28 12.08 32.36
N LYS A 73 -14.75 11.78 31.17
CA LYS A 73 -15.40 12.00 29.89
C LYS A 73 -16.86 11.54 29.90
N ASP A 75 -20.10 9.78 27.71
CA ASP A 75 -20.09 8.60 26.87
C ASP A 75 -20.04 9.00 25.40
N GLY A 76 -19.00 8.53 24.72
CA GLY A 76 -18.83 8.86 23.33
C GLY A 76 -18.13 10.18 23.17
N GLU A 77 -17.69 10.77 24.28
CA GLU A 77 -17.00 12.04 24.21
C GLU A 77 -15.69 11.91 23.45
N PHE A 78 -15.49 12.71 22.41
CA PHE A 78 -14.25 12.65 21.67
C PHE A 78 -13.48 13.96 21.70
N ALA A 79 -14.14 15.03 22.11
CA ALA A 79 -13.47 16.29 22.38
C ALA A 79 -14.21 17.13 23.41
N HIS A 80 -13.56 18.15 23.94
CA HIS A 80 -14.14 19.00 24.96
C HIS A 80 -13.51 20.38 24.83
N ALA A 81 -14.21 21.42 25.29
CA ALA A 81 -13.71 22.79 25.26
C ALA A 81 -14.09 23.53 26.52
N ASN A 82 -13.11 24.02 27.28
CA ASN A 82 -13.41 24.77 28.49
C ASN A 82 -13.30 26.26 28.23
N ILE A 83 -14.41 26.96 28.37
CA ILE A 83 -14.50 28.36 27.95
C ILE A 83 -15.54 29.18 28.76
N ASP A 84 -15.05 30.07 29.63
CA ASP A 84 -15.92 30.94 30.42
C ASP A 84 -16.92 30.13 31.23
N GLY A 85 -16.42 29.31 32.15
CA GLY A 85 -17.27 28.50 33.02
C GLY A 85 -17.99 27.44 32.21
N ILE A 86 -18.33 27.81 30.98
CA ILE A 86 -18.87 26.88 30.01
C ILE A 86 -17.85 25.77 29.79
N SER A 87 -18.35 24.62 29.38
CA SER A 87 -17.56 23.47 29.04
C SER A 87 -18.38 22.87 27.93
N ILE A 88 -17.80 22.71 26.76
CA ILE A 88 -18.54 22.07 25.69
C ILE A 88 -18.02 20.66 25.47
N ARG A 89 -18.92 19.68 25.40
CA ARG A 89 -18.52 18.31 25.10
C ARG A 89 -18.97 17.94 23.70
N LEU A 90 -18.07 17.32 22.95
CA LEU A 90 -18.42 16.71 21.68
C LEU A 90 -18.56 15.20 21.81
N CYS A 91 -19.74 14.67 21.49
CA CYS A 91 -19.92 13.22 21.57
C CYS A 91 -20.26 12.54 20.26
N LEU A 92 -19.89 11.26 20.18
CA LEU A 92 -20.24 10.38 19.08
C LEU A 92 -20.86 9.12 19.63
N ASN A 93 -22.04 8.75 19.14
CA ASN A 93 -22.67 7.49 19.54
C ASN A 93 -23.30 6.78 18.36
N LYS A 94 -22.65 5.70 17.93
CA LYS A 94 -22.98 5.02 16.68
C LYS A 94 -23.27 5.96 15.50
N GLY A 95 -22.22 6.64 15.05
CA GLY A 95 -22.29 7.44 13.84
C GLY A 95 -22.92 8.81 14.02
N ILE A 96 -23.52 9.06 15.18
CA ILE A 96 -24.22 10.33 15.39
C ILE A 96 -23.54 11.24 16.39
N CYS A 97 -23.54 12.53 16.10
CA CYS A 97 -22.74 13.47 16.87
C CYS A 97 -23.56 14.46 17.68
N SER A 98 -23.48 14.36 19.00
CA SER A 98 -24.19 15.26 19.90
C SER A 98 -23.25 16.33 20.41
N VAL A 99 -23.80 17.51 20.67
CA VAL A 99 -23.05 18.57 21.33
C VAL A 99 -23.70 18.81 22.69
N PHE A 100 -22.88 19.11 23.69
CA PHE A 100 -23.43 19.43 25.00
C PHE A 100 -22.98 20.80 25.38
N TYR A 101 -23.88 21.76 25.23
CA TYR A 101 -23.64 23.10 25.66
C TYR A 101 -23.64 22.94 27.14
N LEU A 102 -24.63 22.21 27.59
CA LEU A 102 -24.77 21.77 28.97
C LEU A 102 -24.14 22.64 30.06
N ASP A 103 -23.85 23.91 29.79
CA ASP A 103 -23.22 24.74 30.83
C ASP A 103 -23.25 26.25 30.72
N GLY A 104 -24.37 26.85 31.15
CA GLY A 104 -24.30 28.17 31.72
C GLY A 104 -23.52 27.78 32.96
N ASP A 105 -24.01 26.70 33.59
CA ASP A 105 -23.26 25.92 34.58
C ASP A 105 -24.18 24.88 35.25
N LYS A 106 -25.38 25.30 35.62
CA LYS A 106 -26.41 24.34 36.00
C LYS A 106 -27.35 24.17 34.81
N ILE A 107 -27.00 24.79 33.69
CA ILE A 107 -27.81 24.75 32.48
C ILE A 107 -27.28 23.71 31.48
N GLN A 108 -28.16 22.98 30.79
CA GLN A 108 -27.73 22.01 29.76
C GLN A 108 -28.51 22.09 28.45
N SER A 109 -27.78 22.14 27.34
CA SER A 109 -28.43 22.07 26.05
C SER A 109 -27.83 20.88 25.29
N THR A 110 -28.41 20.54 24.15
CA THR A 110 -27.92 19.42 23.37
C THR A 110 -28.65 19.36 22.04
N GLN A 111 -27.91 19.43 20.93
CA GLN A 111 -28.53 19.11 19.64
C GLN A 111 -27.88 17.90 18.97
N LEU A 112 -28.49 17.45 17.88
CA LEU A 112 -27.97 16.37 17.06
C LEU A 112 -27.75 16.94 15.66
N SER A 113 -26.62 16.62 15.05
CA SER A 113 -26.31 17.17 13.73
C SER A 113 -26.23 16.13 12.58
N SER A 114 -26.41 16.57 11.33
CA SER A 114 -26.48 15.66 10.17
C SER A 114 -25.28 15.66 9.19
N LYS A 115 -25.13 16.76 8.47
CA LYS A 115 -23.99 16.97 7.61
C LYS A 115 -23.55 18.37 7.99
N GLU A 116 -24.10 18.82 9.12
CA GLU A 116 -23.57 19.95 9.85
C GLU A 116 -22.40 19.40 10.65
N TYR A 117 -22.40 18.09 10.84
CA TYR A 117 -21.30 17.37 11.51
C TYR A 117 -20.07 17.33 10.64
N ASN A 118 -20.27 17.18 9.34
CA ASN A 118 -19.18 17.34 8.41
C ASN A 118 -18.54 18.73 8.55
N ASN A 119 -19.35 19.78 8.70
CA ASN A 119 -18.79 21.10 8.91
C ASN A 119 -17.96 21.15 10.16
N LEU A 120 -18.42 20.46 11.18
CA LEU A 120 -17.73 20.47 12.46
C LEU A 120 -16.34 19.94 12.33
N LEU A 121 -16.25 18.77 11.71
CA LEU A 121 -14.98 18.09 11.47
C LEU A 121 -13.90 18.93 10.78
N SER A 122 -14.31 19.84 9.89
CA SER A 122 -13.32 20.69 9.21
C SER A 122 -12.84 21.83 10.09
N SER A 123 -13.75 22.41 10.87
CA SER A 123 -13.39 23.48 11.79
C SER A 123 -12.60 23.01 13.03
N LEU A 124 -12.70 21.72 13.38
CA LEU A 124 -11.74 21.12 14.32
C LEU A 124 -10.26 21.48 14.02
N PRO A 125 -9.46 21.57 15.08
CA PRO A 125 -8.03 21.89 15.09
C PRO A 125 -7.19 20.68 14.69
N PRO A 126 -5.94 20.90 14.30
CA PRO A 126 -4.98 19.86 13.92
C PRO A 126 -4.59 18.92 15.05
N LYS A 127 -5.57 18.26 15.65
CA LYS A 127 -5.28 17.30 16.70
C LYS A 127 -5.80 15.90 16.42
N GLN A 128 -5.21 14.93 17.12
CA GLN A 128 -5.60 13.54 16.94
C GLN A 128 -6.78 13.14 17.80
N PHE A 129 -7.97 13.13 17.20
CA PHE A 129 -9.17 12.78 17.92
C PHE A 129 -9.60 11.34 17.74
N ASN A 130 -10.51 10.91 18.61
CA ASN A 130 -11.08 9.58 18.51
C ASN A 130 -12.41 9.53 17.78
N LEU A 131 -12.37 9.94 16.52
CA LEU A 131 -13.50 9.76 15.63
C LEU A 131 -13.57 8.25 15.33
N GLY A 132 -14.54 7.82 14.53
CA GLY A 132 -14.67 6.38 14.22
C GLY A 132 -13.85 5.94 13.02
N LYS A 133 -14.41 6.14 11.84
CA LYS A 133 -13.73 5.83 10.59
C LYS A 133 -12.63 6.84 10.31
N VAL A 134 -11.83 6.57 9.28
CA VAL A 134 -10.97 7.62 8.75
C VAL A 134 -11.84 8.58 7.92
N HIS A 135 -11.84 9.86 8.30
CA HIS A 135 -12.78 10.80 7.69
C HIS A 135 -12.16 11.49 6.48
N THR A 136 -13.03 12.10 5.69
CA THR A 136 -12.64 12.79 4.46
C THR A 136 -13.12 14.23 4.47
N ILE A 137 -12.17 15.13 4.27
CA ILE A 137 -12.45 16.54 4.38
C ILE A 137 -12.22 17.18 3.03
N THR A 138 -13.18 18.00 2.59
CA THR A 138 -13.14 18.57 1.24
C THR A 138 -12.61 20.00 1.26
N ALA A 139 -11.49 20.24 0.60
CA ALA A 139 -10.95 21.59 0.49
C ALA A 139 -11.80 22.45 -0.45
N PRO A 140 -11.73 23.78 -0.28
CA PRO A 140 -12.50 24.67 -1.17
C PRO A 140 -11.81 24.78 -2.52
N VAL A 141 -12.21 23.96 -3.48
CA VAL A 141 -11.78 24.09 -4.87
C VAL A 141 -12.30 22.91 -5.68
N SER A 142 -12.79 23.17 -6.88
CA SER A 142 -13.27 22.08 -7.72
C SER A 142 -12.06 21.29 -8.13
N GLY A 143 -12.26 19.99 -8.34
CA GLY A 143 -11.17 19.10 -8.66
C GLY A 143 -10.68 19.27 -10.09
N ASN A 144 -9.50 18.73 -10.35
CA ASN A 144 -8.90 18.85 -11.66
C ASN A 144 -7.98 17.69 -11.98
N PHE A 145 -8.39 16.91 -12.97
CA PHE A 145 -7.68 15.69 -13.32
C PHE A 145 -6.53 15.95 -14.26
N LYS A 146 -6.35 17.21 -14.62
CA LYS A 146 -5.19 17.58 -15.41
C LYS A 146 -4.00 17.76 -14.47
N THR A 147 -4.08 18.77 -13.61
CA THR A 147 -2.93 19.27 -12.85
C THR A 147 -1.99 18.23 -12.25
N HIS A 148 -0.70 18.55 -12.34
CA HIS A 148 0.35 17.69 -11.83
C HIS A 148 0.29 17.56 -10.30
N LYS A 149 -0.34 18.51 -9.62
CA LYS A 149 -0.17 18.65 -8.16
C LYS A 149 -1.47 18.96 -7.38
N PRO A 150 -1.41 18.88 -6.04
CA PRO A 150 -2.56 19.22 -5.19
C PRO A 150 -2.85 20.71 -5.12
N ALA A 151 -4.10 21.10 -5.36
CA ALA A 151 -4.53 22.48 -5.11
C ALA A 151 -3.92 22.99 -3.78
N PRO A 152 -3.30 24.17 -3.80
CA PRO A 152 -2.76 24.81 -2.59
C PRO A 152 -3.75 25.04 -1.44
N GLU A 153 -5.07 25.04 -1.69
CA GLU A 153 -6.09 25.19 -0.66
C GLU A 153 -6.48 23.79 -0.20
N VAL A 154 -5.91 22.81 -0.89
CA VAL A 154 -5.99 21.42 -0.47
C VAL A 154 -4.82 21.18 0.45
N ILE A 155 -3.62 21.57 0.02
CA ILE A 155 -2.45 21.59 0.90
C ILE A 155 -2.68 22.34 2.23
N GLU A 156 -3.50 23.39 2.19
CA GLU A 156 -3.78 24.16 3.41
C GLU A 156 -4.68 23.39 4.38
N THR A 157 -5.84 22.94 3.90
CA THR A 157 -6.79 22.21 4.73
C THR A 157 -6.22 20.88 5.18
N ALA A 158 -5.13 20.47 4.58
CA ALA A 158 -4.54 19.21 4.93
C ALA A 158 -3.68 19.47 6.13
N ILE A 159 -3.02 20.61 6.12
CA ILE A 159 -2.20 21.01 7.24
C ILE A 159 -3.00 21.32 8.50
N ASN A 160 -4.16 21.92 8.31
CA ASN A 160 -4.89 22.49 9.43
C ASN A 160 -6.07 21.67 9.92
N CYS A 161 -6.32 20.54 9.27
CA CYS A 161 -7.43 19.70 9.69
C CYS A 161 -7.02 18.64 10.72
N CYS A 162 -8.00 18.05 11.38
CA CYS A 162 -7.75 17.03 12.39
C CYS A 162 -7.69 15.64 11.78
N THR A 163 -7.22 14.69 12.57
CA THR A 163 -7.07 13.32 12.12
C THR A 163 -7.76 12.44 13.10
N SER A 164 -8.23 11.30 12.60
CA SER A 164 -8.81 10.31 13.50
C SER A 164 -7.81 9.25 13.89
N ILE A 165 -7.74 8.99 15.19
CA ILE A 165 -6.86 7.92 15.70
C ILE A 165 -7.27 6.55 15.21
N ILE A 166 -6.24 5.75 14.95
CA ILE A 166 -6.37 4.35 14.62
C ILE A 166 -5.91 3.50 15.82
N PRO A 167 -6.87 2.98 16.60
CA PRO A 167 -6.54 2.24 17.82
C PRO A 167 -5.57 1.17 17.52
N ASN A 168 -4.32 1.29 17.92
CA ASN A 168 -3.44 0.12 17.94
C ASN A 168 -3.94 -0.88 18.98
N ASP A 169 -3.60 -2.14 18.79
CA ASP A 169 -3.84 -3.17 19.80
C ASP A 169 -2.72 -4.18 19.61
N ASP A 170 -2.56 -4.62 18.38
CA ASP A 170 -1.46 -5.49 18.00
C ASP A 170 -0.22 -4.65 17.68
N TYR A 171 0.42 -4.16 18.74
CA TYR A 171 1.65 -3.41 18.61
C TYR A 171 2.76 -4.34 18.19
N PHE A 172 3.51 -3.91 17.19
CA PHE A 172 4.73 -4.57 16.70
C PHE A 172 5.88 -4.52 17.71
N PRO A 173 6.50 -5.68 18.03
CA PRO A 173 7.76 -5.51 18.77
C PRO A 173 8.73 -4.64 17.96
N VAL A 174 9.83 -4.26 18.60
CA VAL A 174 10.86 -3.45 17.98
C VAL A 174 11.83 -4.27 17.15
N LYS A 175 11.88 -4.07 15.82
CA LYS A 175 12.84 -4.79 14.97
C LYS A 175 14.26 -4.18 15.07
N ASP A 176 15.32 -4.95 14.81
CA ASP A 176 16.69 -4.43 14.93
C ASP A 176 16.98 -3.38 13.85
N THR A 177 16.07 -3.32 12.88
CA THR A 177 16.19 -2.45 11.72
C THR A 177 15.47 -1.08 11.90
N ASP A 178 14.74 -0.91 12.99
CA ASP A 178 14.00 0.31 13.22
C ASP A 178 14.90 1.55 13.18
N PHE A 179 14.54 2.51 12.33
CA PHE A 179 15.22 3.81 12.28
C PHE A 179 16.58 3.77 11.59
N ASN A 180 16.91 2.69 10.89
CA ASN A 180 18.23 2.62 10.29
C ASN A 180 18.38 3.70 9.24
N SER A 181 17.34 3.83 8.43
CA SER A 181 17.27 4.85 7.39
C SER A 181 17.31 6.30 7.86
N VAL A 182 17.26 6.52 9.16
CA VAL A 182 16.89 7.87 9.64
C VAL A 182 17.76 9.01 9.09
N TRP A 183 19.07 9.00 9.36
CA TRP A 183 19.96 10.04 8.85
C TRP A 183 19.67 10.33 7.37
N HIS A 184 19.83 9.31 6.53
CA HIS A 184 19.46 9.43 5.13
C HIS A 184 18.07 10.07 4.92
N ASP A 185 17.06 9.60 5.64
CA ASP A 185 15.71 10.15 5.50
C ASP A 185 15.75 11.69 5.67
N ILE A 186 16.24 12.19 6.80
CA ILE A 186 16.34 13.64 6.96
C ILE A 186 17.14 14.28 5.82
N TYR A 187 18.33 13.79 5.55
CA TYR A 187 19.12 14.39 4.49
C TYR A 187 18.27 14.60 3.21
N ARG A 188 17.57 13.56 2.75
CA ARG A 188 16.80 13.63 1.51
C ARG A 188 15.66 14.61 1.64
N ASP A 189 14.83 14.38 2.65
CA ASP A 189 13.63 15.19 2.81
C ASP A 189 13.91 16.69 2.84
N ILE A 190 14.89 17.09 3.66
CA ILE A 190 15.24 18.51 3.82
C ILE A 190 15.79 19.16 2.53
N ARG A 191 16.63 18.42 1.80
CA ARG A 191 17.20 18.90 0.54
C ARG A 191 16.09 19.24 -0.47
N ALA A 192 15.03 18.43 -0.48
CA ALA A 192 13.92 18.66 -1.37
C ALA A 192 12.78 19.37 -0.69
N SER A 193 13.05 19.98 0.46
CA SER A 193 12.00 20.63 1.24
C SER A 193 11.39 21.79 0.47
N ASP A 194 10.11 22.06 0.72
CA ASP A 194 9.46 23.23 0.18
C ASP A 194 8.99 23.99 1.41
N SER A 195 9.38 25.25 1.54
CA SER A 195 9.16 25.98 2.78
C SER A 195 7.70 26.05 3.22
N ASN A 196 6.80 25.70 2.30
CA ASN A 196 5.36 25.65 2.58
C ASN A 196 4.67 24.26 2.49
N SER A 197 5.42 23.25 2.05
CA SER A 197 4.96 21.87 2.17
C SER A 197 5.54 21.27 3.46
N THR A 198 6.71 21.75 3.88
CA THR A 198 7.32 21.30 5.12
C THR A 198 7.73 22.44 6.05
N LYS A 199 7.26 22.35 7.29
CA LYS A 199 7.42 23.42 8.26
C LYS A 199 7.64 22.75 9.58
N ILE A 200 8.56 23.29 10.36
CA ILE A 200 8.92 22.72 11.68
C ILE A 200 8.73 23.71 12.84
N TYR A 201 8.08 23.29 13.89
CA TYR A 201 7.80 24.21 14.97
C TYR A 201 8.34 23.71 16.30
N PHE A 202 8.79 24.61 17.14
CA PHE A 202 9.02 24.26 18.54
C PHE A 202 8.24 25.15 19.47
N ASN A 203 7.48 24.56 20.38
CA ASN A 203 6.54 25.33 21.16
C ASN A 203 5.89 26.40 20.27
N ASN A 204 5.41 25.95 19.13
CA ASN A 204 4.75 26.83 18.20
C ASN A 204 5.55 27.96 17.58
N ILE A 205 6.87 27.89 17.70
CA ILE A 205 7.73 28.80 16.97
C ILE A 205 8.26 28.15 15.70
N GLU A 206 8.11 28.82 14.54
CA GLU A 206 8.57 28.22 13.29
C GLU A 206 10.09 28.31 13.17
N ILE A 207 10.73 27.16 13.15
CA ILE A 207 12.14 27.12 12.86
C ILE A 207 12.26 27.14 11.36
N PRO A 208 13.05 28.07 10.84
CA PRO A 208 13.33 28.25 9.41
C PRO A 208 13.95 26.99 8.81
N LEU A 209 13.42 26.58 7.65
CA LEU A 209 13.96 25.43 6.93
C LEU A 209 15.45 25.55 6.72
N LYS A 210 15.86 26.64 6.11
CA LYS A 210 17.25 26.79 5.76
C LYS A 210 18.15 26.90 7.00
N LEU A 211 17.56 27.08 8.18
CA LEU A 211 18.33 26.98 9.43
C LEU A 211 18.53 25.53 9.88
N ILE A 212 17.50 24.69 9.73
CA ILE A 212 17.66 23.28 10.08
C ILE A 212 18.50 22.52 9.05
N ALA A 213 18.50 22.98 7.80
CA ALA A 213 19.47 22.45 6.85
C ALA A 213 20.91 22.69 7.35
N ASP A 214 21.21 23.94 7.69
CA ASP A 214 22.51 24.31 8.25
C ASP A 214 22.84 23.53 9.51
N LEU A 215 21.82 23.24 10.32
CA LEU A 215 22.02 22.40 11.49
C LEU A 215 22.55 21.00 11.11
N ILE A 216 21.79 20.28 10.30
CA ILE A 216 22.16 18.90 9.97
C ILE A 216 23.51 18.80 9.30
N ASN A 217 23.87 19.83 8.55
CA ASN A 217 25.17 19.78 7.91
C ASN A 217 26.28 19.79 8.96
N GLU A 218 26.26 20.81 9.82
CA GLU A 218 27.18 20.91 10.95
C GLU A 218 27.24 19.66 11.85
N LEU A 219 26.15 18.88 11.88
CA LEU A 219 26.13 17.66 12.69
C LEU A 219 26.77 16.45 12.00
N GLY A 220 26.92 16.56 10.68
CA GLY A 220 27.66 15.56 9.94
C GLY A 220 26.81 14.79 8.96
N ILE A 221 25.48 14.93 9.02
CA ILE A 221 24.62 14.19 8.10
C ILE A 221 24.81 14.68 6.64
N ASN A 222 25.60 13.92 5.86
CA ASN A 222 25.82 14.13 4.42
C ASN A 222 25.47 12.83 3.71
N GLU A 223 25.77 12.75 2.42
CA GLU A 223 25.65 11.47 1.71
C GLU A 223 26.66 10.49 2.31
N PHE A 224 27.91 10.93 2.39
CA PHE A 224 28.93 10.24 3.16
C PHE A 224 28.62 10.33 4.66
N ILE A 225 27.83 9.39 5.18
CA ILE A 225 27.69 9.20 6.64
C ILE A 225 27.14 7.81 6.98
N ASP A 226 27.60 7.23 8.09
CA ASP A 226 27.24 5.84 8.40
C ASP A 226 25.92 5.75 9.16
N SER A 227 24.94 5.08 8.55
CA SER A 227 23.62 4.92 9.15
C SER A 227 23.65 4.62 10.64
N LYS A 228 24.73 4.01 11.08
CA LYS A 228 24.82 3.55 12.44
C LYS A 228 25.21 4.67 13.42
N LYS A 229 26.12 5.55 13.01
CA LYS A 229 26.82 6.52 13.90
C LYS A 229 25.97 7.31 14.86
N GLU A 230 26.36 7.33 16.14
CA GLU A 230 25.75 8.23 17.12
C GLU A 230 26.38 9.59 16.89
N LEU A 231 25.63 10.65 17.14
CA LEU A 231 26.01 12.00 16.70
C LEU A 231 26.75 12.82 17.73
N GLN A 232 27.98 13.25 17.43
CA GLN A 232 28.67 14.18 18.30
C GLN A 232 27.83 15.46 18.40
N LEU A 234 27.08 19.58 19.29
CA LEU A 234 27.76 20.81 18.88
C LEU A 234 28.19 21.71 20.04
N SER A 235 29.11 22.62 19.75
CA SER A 235 29.54 23.56 20.76
C SER A 235 28.80 24.88 20.57
N TYR A 236 28.62 25.59 21.69
CA TYR A 236 27.98 26.91 21.68
C TYR A 236 28.51 27.70 20.51
N ASN A 237 29.83 27.69 20.37
CA ASN A 237 30.44 28.35 19.24
C ASN A 237 29.85 27.88 17.93
N GLN A 238 29.99 26.59 17.63
CA GLN A 238 29.50 26.05 16.37
C GLN A 238 28.08 26.48 16.01
N LEU A 239 27.14 26.42 16.94
CA LEU A 239 25.77 26.69 16.53
C LEU A 239 25.36 28.15 16.67
N ASN A 240 26.08 28.87 17.53
CA ASN A 240 25.81 30.29 17.68
C ASN A 240 26.02 30.90 16.31
N LYS A 241 26.93 30.31 15.56
CA LYS A 241 27.33 30.88 14.28
C LYS A 241 26.23 30.72 13.23
N ILE A 242 25.55 29.59 13.28
CA ILE A 242 24.46 29.33 12.33
C ILE A 242 23.13 30.03 12.67
N ILE A 243 22.77 30.16 13.95
CA ILE A 243 21.55 30.90 14.22
C ILE A 243 21.75 32.37 13.87
N ASN A 244 22.99 32.80 13.68
CA ASN A 244 23.24 34.19 13.33
C ASN A 244 23.17 34.47 11.83
N SER A 245 23.53 33.48 11.03
CA SER A 245 23.50 33.65 9.59
C SER A 245 22.14 33.32 9.01
N ASN A 246 21.23 32.86 9.86
CA ASN A 246 19.86 32.59 9.42
C ASN A 246 18.87 33.58 9.99
N PHE A 247 19.34 34.31 10.99
CA PHE A 247 18.70 35.56 11.39
C PHE A 247 19.78 36.63 11.28
N PRO A 248 20.13 37.01 10.04
CA PRO A 248 21.19 38.00 9.81
C PRO A 248 20.85 39.32 10.51
N GLN A 249 19.56 39.58 10.60
CA GLN A 249 19.03 40.76 11.30
C GLN A 249 19.39 40.74 12.78
N GLN A 250 19.10 41.83 13.47
CA GLN A 250 19.40 41.92 14.89
C GLN A 250 18.20 42.49 15.66
N ASP A 251 16.99 42.26 15.12
CA ASP A 251 15.76 42.67 15.79
C ASP A 251 15.73 42.20 17.23
N LEU A 252 14.93 42.87 18.04
CA LEU A 252 14.87 42.56 19.46
C LEU A 252 14.09 41.26 19.73
N CYS A 253 13.08 40.98 18.91
CA CYS A 253 12.30 39.76 19.07
C CYS A 253 13.13 38.52 18.78
N PHE A 254 13.76 38.49 17.60
CA PHE A 254 14.65 37.40 17.23
C PHE A 254 15.64 37.11 18.38
N GLN A 255 16.07 38.17 19.06
CA GLN A 255 17.12 38.01 20.07
C GLN A 255 16.77 36.98 21.14
N THR A 256 15.48 36.84 21.42
CA THR A 256 15.05 35.86 22.42
C THR A 256 14.91 34.49 21.80
N GLU A 257 14.24 34.41 20.65
CA GLU A 257 14.17 33.19 19.85
C GLU A 257 15.53 32.54 19.80
N LYS A 258 16.51 33.34 19.42
CA LYS A 258 17.87 32.88 19.31
C LYS A 258 18.42 32.31 20.63
N LEU A 259 18.03 32.84 21.78
CA LEU A 259 18.49 32.20 23.00
C LEU A 259 18.03 30.73 23.06
N LEU A 260 16.73 30.50 22.91
CA LEU A 260 16.14 29.14 22.87
C LEU A 260 16.82 28.19 21.88
N PHE A 261 16.88 28.63 20.63
CA PHE A 261 17.43 27.79 19.61
C PHE A 261 18.90 27.50 19.90
N THR A 262 19.64 28.54 20.25
CA THR A 262 21.01 28.35 20.69
C THR A 262 21.10 27.21 21.68
N SER A 263 20.20 27.16 22.66
CA SER A 263 20.33 26.13 23.69
C SER A 263 19.52 24.82 23.45
N LEU A 264 18.47 24.90 22.65
CA LEU A 264 17.79 23.70 22.15
C LEU A 264 18.67 22.78 21.30
N PHE A 265 19.32 23.37 20.29
CA PHE A 265 20.18 22.63 19.37
C PHE A 265 21.40 21.96 20.03
N GLN A 266 21.53 22.11 21.34
CA GLN A 266 22.60 21.43 22.04
C GLN A 266 22.03 20.24 22.81
N ASP A 267 20.71 20.21 22.97
CA ASP A 267 20.10 19.07 23.65
C ASP A 267 20.01 17.87 22.71
N PRO A 268 20.61 16.75 23.12
CA PRO A 268 20.54 15.48 22.40
C PRO A 268 19.09 15.03 22.25
N ALA A 269 18.36 15.03 23.36
CA ALA A 269 16.96 14.66 23.28
C ALA A 269 16.32 15.38 22.10
N PHE A 270 16.66 16.64 21.94
CA PHE A 270 16.02 17.45 20.95
C PHE A 270 16.40 17.10 19.53
N ILE A 271 17.68 17.01 19.20
CA ILE A 271 17.94 16.59 17.85
C ILE A 271 17.45 15.14 17.60
N SER A 272 17.31 14.36 18.68
CA SER A 272 16.68 13.04 18.54
C SER A 272 15.24 13.21 18.10
N ALA A 273 14.46 13.93 18.90
CA ALA A 273 13.09 14.23 18.55
C ALA A 273 12.99 14.77 17.12
N LEU A 274 13.80 15.78 16.80
CA LEU A 274 13.78 16.38 15.47
C LEU A 274 14.09 15.43 14.31
N THR A 275 15.14 14.62 14.40
CA THR A 275 15.50 13.69 13.33
C THR A 275 14.53 12.52 13.17
N SER A 276 14.06 11.99 14.30
CA SER A 276 13.14 10.85 14.29
C SER A 276 11.83 11.10 13.50
N ALA A 277 11.34 12.34 13.55
CA ALA A 277 10.08 12.66 12.90
C ALA A 277 10.16 12.37 11.43
N PHE A 278 11.40 12.11 10.95
CA PHE A 278 11.67 11.88 9.52
C PHE A 278 11.84 10.43 9.09
N TRP A 279 12.01 9.54 10.05
CA TRP A 279 12.15 8.14 9.72
C TRP A 279 11.00 7.73 8.87
N GLN A 280 11.29 7.07 7.75
CA GLN A 280 10.28 6.80 6.71
C GLN A 280 9.09 5.94 7.15
N SER A 281 9.33 5.00 8.07
CA SER A 281 8.29 4.06 8.45
C SER A 281 7.86 4.33 9.88
N LEU A 282 7.98 5.59 10.29
CA LEU A 282 7.63 6.03 11.63
C LEU A 282 6.22 5.62 12.01
N HIS A 283 5.32 5.65 11.03
CA HIS A 283 3.89 5.48 11.27
C HIS A 283 3.38 4.02 11.19
N ILE A 284 4.17 3.12 10.62
CA ILE A 284 3.82 1.71 10.55
C ILE A 284 4.08 0.98 11.86
N THR A 285 3.04 0.87 12.68
CA THR A 285 3.20 0.50 14.09
C THR A 285 2.36 -0.68 14.54
N SER A 286 1.39 -1.08 13.74
CA SER A 286 0.51 -2.19 14.10
C SER A 286 -0.23 -2.74 12.90
N SER A 287 -0.71 -3.96 13.01
CA SER A 287 -1.57 -4.52 11.98
C SER A 287 -2.78 -3.62 11.76
N SER A 288 -3.34 -3.09 12.83
CA SER A 288 -4.54 -2.29 12.69
C SER A 288 -4.20 -1.15 11.81
N VAL A 289 -3.06 -0.54 12.03
CA VAL A 289 -2.70 0.62 11.21
C VAL A 289 -2.36 0.14 9.82
N GLU A 290 -1.56 -0.91 9.75
CA GLU A 290 -1.14 -1.44 8.45
C GLU A 290 -2.34 -1.74 7.57
N HIS A 291 -3.44 -2.13 8.20
CA HIS A 291 -4.67 -2.40 7.50
C HIS A 291 -5.23 -1.13 6.89
N ILE A 292 -5.32 -0.07 7.67
CA ILE A 292 -5.87 1.17 7.14
C ILE A 292 -4.99 1.70 6.02
N TYR A 293 -3.68 1.69 6.28
CA TYR A 293 -2.72 2.26 5.35
C TYR A 293 -2.87 1.56 4.01
N ALA A 294 -2.74 0.24 4.03
CA ALA A 294 -2.95 -0.54 2.85
C ALA A 294 -4.31 -0.24 2.19
N GLN A 295 -5.37 -0.14 2.97
CA GLN A 295 -6.66 0.10 2.33
C GLN A 295 -6.49 1.39 1.52
N ILE A 296 -5.85 2.38 2.11
CA ILE A 296 -5.70 3.67 1.49
C ILE A 296 -4.78 3.62 0.27
N SER A 298 -4.11 1.37 -1.70
CA SER A 298 -4.83 0.68 -2.75
C SER A 298 -5.85 1.57 -3.41
N GLU A 299 -6.74 2.13 -2.58
CA GLU A 299 -7.76 3.11 -3.01
C GLU A 299 -7.14 4.24 -3.82
N ASN A 300 -5.88 4.54 -3.51
CA ASN A 300 -5.12 5.51 -4.26
C ASN A 300 -4.74 5.00 -5.66
N ILE A 301 -4.12 3.84 -5.74
CA ILE A 301 -3.90 3.17 -7.02
C ILE A 301 -5.18 3.07 -7.88
N GLU A 302 -6.21 2.42 -7.35
CA GLU A 302 -7.44 2.20 -8.11
C GLU A 302 -8.08 3.51 -8.60
N ASN A 303 -7.72 4.63 -7.97
CA ASN A 303 -8.28 5.92 -8.35
C ASN A 303 -7.44 6.60 -9.42
N ARG A 304 -6.14 6.59 -9.20
CA ARG A 304 -5.19 7.08 -10.18
C ARG A 304 -5.42 6.36 -11.50
N LEU A 305 -6.03 5.18 -11.44
CA LEU A 305 -6.15 4.31 -12.60
C LEU A 305 -7.47 4.51 -13.33
N ASN A 306 -8.50 4.87 -12.56
CA ASN A 306 -9.85 5.12 -13.09
C ASN A 306 -10.10 6.59 -13.39
N PHE A 307 -9.10 7.44 -13.18
CA PHE A 307 -9.30 8.85 -13.33
C PHE A 307 -8.16 9.62 -13.98
N PRO A 309 -4.79 8.22 -15.43
CA PRO A 309 -3.67 7.35 -15.83
C PRO A 309 -2.66 8.14 -16.68
N GLU A 310 -1.39 8.05 -16.30
CA GLU A 310 -0.33 8.78 -16.98
C GLU A 310 -0.57 10.29 -16.87
N ASN A 315 3.35 13.68 -5.62
CA ASN A 315 4.38 12.83 -4.99
C ASN A 315 4.96 13.41 -3.68
N ASN A 316 6.30 13.37 -3.59
CA ASN A 316 7.10 13.97 -2.52
C ASN A 316 6.41 14.47 -1.25
N CYS A 317 5.44 15.38 -1.44
CA CYS A 317 4.73 16.06 -0.35
C CYS A 317 5.21 15.76 1.06
N GLY A 318 5.50 16.83 1.79
CA GLY A 318 6.36 16.75 2.94
C GLY A 318 5.77 16.69 4.33
N HIS A 319 6.54 17.23 5.27
CA HIS A 319 6.32 16.99 6.68
C HIS A 319 5.87 18.21 7.43
N ILE A 320 4.90 18.05 8.31
CA ILE A 320 4.64 19.07 9.30
C ILE A 320 4.96 18.49 10.67
N ILE A 321 6.08 18.94 11.21
CA ILE A 321 6.59 18.48 12.49
C ILE A 321 6.40 19.57 13.55
N LYS A 322 5.77 19.20 14.65
CA LYS A 322 5.52 20.09 15.75
C LYS A 322 6.16 19.47 16.99
N ILE A 323 7.12 20.16 17.58
CA ILE A 323 7.80 19.66 18.78
C ILE A 323 7.59 20.60 19.95
N ASN A 324 7.14 20.03 21.07
CA ASN A 324 6.92 20.80 22.30
C ASN A 324 7.68 20.16 23.43
N ALA A 325 8.35 20.98 24.22
CA ALA A 325 9.01 20.50 25.42
C ALA A 325 7.98 20.28 26.50
N VAL A 326 8.26 19.38 27.43
CA VAL A 326 7.31 19.13 28.50
C VAL A 326 8.00 18.52 29.73
N VAL A 327 7.21 18.31 30.78
CA VAL A 327 7.71 17.92 32.10
C VAL A 327 7.97 16.41 32.28
N PRO A 328 9.26 16.01 32.37
CA PRO A 328 9.67 14.61 32.57
C PRO A 328 9.05 13.98 33.82
N GLY A 339 18.23 16.20 31.15
CA GLY A 339 17.65 17.53 31.01
C GLY A 339 16.13 17.64 31.01
N ARG A 340 15.55 17.62 29.81
CA ARG A 340 14.12 17.90 29.61
C ARG A 340 13.59 17.08 28.42
N ALA A 341 12.33 16.65 28.50
CA ALA A 341 11.71 15.70 27.54
C ALA A 341 10.78 16.38 26.54
N TYR A 342 10.69 15.81 25.33
CA TYR A 342 9.94 16.46 24.22
C TYR A 342 8.81 15.63 23.61
N GLU A 343 7.65 16.25 23.48
CA GLU A 343 6.52 15.64 22.81
C GLU A 343 6.50 16.07 21.35
N VAL A 344 6.46 15.10 20.45
CA VAL A 344 6.72 15.38 19.07
C VAL A 344 5.50 15.00 18.24
N SER A 345 5.31 15.65 17.10
CA SER A 345 4.24 15.23 16.23
C SER A 345 4.71 15.45 14.79
N SER A 346 4.55 14.41 13.99
CA SER A 346 5.08 14.36 12.65
C SER A 346 3.96 13.88 11.76
N SER A 347 3.28 14.84 11.12
CA SER A 347 2.26 14.59 10.12
C SER A 347 3.01 14.59 8.80
N ILE A 348 2.66 13.66 7.94
CA ILE A 348 3.29 13.56 6.64
C ILE A 348 2.13 13.73 5.64
N LEU A 349 2.41 14.28 4.46
CA LEU A 349 1.31 14.55 3.55
C LEU A 349 1.41 13.86 2.19
N PRO A 350 1.34 12.55 2.15
CA PRO A 350 1.45 11.88 0.84
C PRO A 350 0.34 12.34 -0.09
N SER A 351 0.61 12.39 -1.41
CA SER A 351 -0.45 12.68 -2.39
C SER A 351 -1.38 11.51 -2.59
N HIS A 352 -2.69 11.75 -2.54
CA HIS A 352 -3.70 10.69 -2.65
C HIS A 352 -4.86 11.07 -3.56
N ILE A 353 -5.05 10.33 -4.64
CA ILE A 353 -6.10 10.67 -5.57
C ILE A 353 -7.47 10.35 -5.02
N THR A 354 -8.25 11.39 -4.79
CA THR A 354 -9.66 11.24 -4.49
C THR A 354 -10.37 11.10 -5.84
N CYS A 355 -11.70 11.08 -5.82
CA CYS A 355 -12.47 10.95 -7.05
C CYS A 355 -12.86 12.29 -7.66
N ASN A 356 -12.89 13.34 -6.84
CA ASN A 356 -13.09 14.71 -7.33
C ASN A 356 -11.79 15.30 -7.83
N GLY A 357 -10.72 14.52 -7.81
CA GLY A 357 -9.45 15.04 -8.29
C GLY A 357 -8.27 14.61 -7.42
N VAL A 358 -7.25 15.45 -7.35
CA VAL A 358 -6.04 15.07 -6.63
C VAL A 358 -5.96 15.68 -5.22
N GLY A 359 -6.13 14.83 -4.22
CA GLY A 359 -6.10 15.29 -2.85
C GLY A 359 -4.87 14.81 -2.08
N ILE A 360 -5.03 14.70 -0.77
CA ILE A 360 -3.92 14.18 0.01
C ILE A 360 -4.36 13.41 1.23
N ASN A 361 -3.55 12.42 1.57
CA ASN A 361 -3.71 11.57 2.73
C ASN A 361 -2.82 12.04 3.87
N LYS A 362 -3.38 12.71 4.87
CA LYS A 362 -2.59 13.09 6.06
C LYS A 362 -2.47 11.94 7.06
N ILE A 363 -1.24 11.66 7.42
CA ILE A 363 -0.91 10.61 8.37
C ILE A 363 -0.07 11.23 9.44
N GLU A 364 -0.66 11.40 10.63
CA GLU A 364 0.03 12.04 11.75
C GLU A 364 0.33 10.99 12.78
N THR A 365 1.56 11.03 13.27
CA THR A 365 2.09 10.07 14.23
C THR A 365 2.85 10.86 15.28
N SER A 366 2.53 10.59 16.54
CA SER A 366 3.11 11.37 17.61
C SER A 366 3.62 10.46 18.69
N TYR A 367 4.55 10.98 19.48
CA TYR A 367 5.25 10.19 20.48
C TYR A 367 5.90 11.05 21.53
N LEU A 368 6.64 10.40 22.42
CA LEU A 368 7.41 11.09 23.44
C LEU A 368 8.88 10.68 23.35
N VAL A 369 9.73 11.65 23.07
CA VAL A 369 11.17 11.44 23.14
C VAL A 369 11.53 11.79 24.55
N HIS A 370 11.99 10.81 25.34
CA HIS A 370 12.25 11.07 26.74
C HIS A 370 13.60 11.74 26.96
N ALA A 371 13.84 12.24 28.16
CA ALA A 371 14.93 13.20 28.42
C ALA A 371 16.34 12.76 28.06
N GLY A 372 16.70 11.52 28.40
CA GLY A 372 18.01 11.02 28.04
C GLY A 372 18.27 10.98 26.53
N THR A 373 17.67 9.97 25.87
CA THR A 373 17.69 9.76 24.43
C THR A 373 18.86 10.38 23.67
N LEU A 374 19.66 9.54 23.01
CA LEU A 374 20.74 10.04 22.20
C LEU A 374 20.49 9.68 20.75
N PRO A 375 20.89 10.56 19.82
CA PRO A 375 20.68 10.54 18.38
C PRO A 375 21.43 9.43 17.71
N SER A 376 20.93 8.20 17.72
CA SER A 376 21.44 7.14 16.85
C SER A 376 20.27 6.29 16.40
N SER A 377 20.48 5.48 15.39
CA SER A 377 19.37 4.63 15.00
C SER A 377 19.10 3.69 16.18
N GLU A 378 20.04 3.59 17.09
CA GLU A 378 19.87 2.65 18.18
C GLU A 378 19.07 3.26 19.27
N GLY A 379 19.55 4.39 19.79
CA GLY A 379 18.89 5.08 20.88
C GLY A 379 17.46 5.41 20.52
N LEU A 380 17.24 5.73 19.25
CA LEU A 380 15.93 6.13 18.77
C LEU A 380 14.90 5.01 18.81
N ARG A 381 15.30 3.82 18.37
CA ARG A 381 14.37 2.72 18.18
C ARG A 381 13.94 2.14 19.50
N ASN A 382 14.70 2.49 20.53
CA ASN A 382 14.48 1.96 21.87
C ASN A 382 13.68 2.96 22.67
N ALA A 383 13.93 4.23 22.39
CA ALA A 383 13.28 5.35 23.06
C ALA A 383 11.89 5.62 22.49
N ILE A 384 11.69 5.20 21.26
CA ILE A 384 10.44 5.40 20.54
C ILE A 384 9.94 4.10 19.92
N PRO A 385 9.70 3.08 20.75
CA PRO A 385 9.34 1.73 20.29
C PRO A 385 8.03 1.86 19.55
N PRO A 386 7.70 0.95 18.62
CA PRO A 386 6.39 1.05 17.98
C PRO A 386 5.27 1.16 19.03
N GLU A 387 5.39 0.41 20.12
CA GLU A 387 4.37 0.41 21.17
C GLU A 387 3.93 1.81 21.65
N SER A 388 4.71 2.86 21.38
CA SER A 388 4.55 4.17 22.03
C SER A 388 4.20 5.33 21.07
N ARG A 389 4.11 5.02 19.78
CA ARG A 389 3.76 6.00 18.76
C ARG A 389 2.25 5.92 18.58
N GLN A 390 1.60 7.06 18.33
CA GLN A 390 0.14 7.09 18.08
C GLN A 390 -0.24 7.68 16.72
N VAL A 391 -0.99 6.93 15.93
CA VAL A 391 -1.15 7.22 14.50
C VAL A 391 -2.63 7.47 14.12
N SER A 392 -2.84 8.49 13.29
CA SER A 392 -4.16 8.86 12.84
C SER A 392 -4.16 9.30 11.39
N PHE A 393 -5.28 9.10 10.71
CA PHE A 393 -5.39 9.44 9.30
C PHE A 393 -6.46 10.48 9.03
N ALA A 394 -6.29 11.20 7.91
CA ALA A 394 -7.36 11.97 7.31
C ALA A 394 -7.23 11.90 5.81
N ILE A 395 -8.34 12.02 5.13
CA ILE A 395 -8.23 12.27 3.70
C ILE A 395 -8.64 13.70 3.42
N ILE A 396 -7.88 14.36 2.54
CA ILE A 396 -8.27 15.68 2.08
C ILE A 396 -8.47 15.66 0.56
N SER A 397 -9.70 15.92 0.14
CA SER A 397 -10.11 15.81 -1.25
C SER A 397 -10.60 17.17 -1.76
N PRO A 398 -10.28 17.52 -3.00
CA PRO A 398 -10.83 18.71 -3.66
C PRO A 398 -12.32 18.58 -3.83
N ASP A 399 -12.86 19.24 -4.85
CA ASP A 399 -14.28 19.23 -5.12
C ASP A 399 -14.61 19.33 -6.61
N GLU B 1 18.99 -42.14 -15.28
CA GLU B 1 19.65 -42.18 -16.57
C GLU B 1 19.14 -41.05 -17.46
N VAL B 2 17.83 -40.96 -17.59
CA VAL B 2 17.24 -39.98 -18.49
C VAL B 2 17.78 -38.55 -18.27
N ALA B 3 17.71 -38.05 -17.03
CA ALA B 3 18.16 -36.69 -16.71
C ALA B 3 19.19 -36.64 -15.54
N SER B 4 20.05 -37.68 -15.45
CA SER B 4 21.18 -37.85 -14.48
C SER B 4 21.78 -36.62 -13.75
N TYR B 5 21.98 -35.56 -14.54
CA TYR B 5 22.41 -34.27 -14.05
C TYR B 5 21.85 -33.22 -15.03
N CYS B 6 21.03 -33.68 -15.98
CA CYS B 6 20.38 -32.82 -16.97
C CYS B 6 19.60 -31.68 -16.28
N ASP B 7 19.29 -31.92 -15.00
CA ASP B 7 18.80 -30.87 -14.11
C ASP B 7 19.98 -29.96 -13.68
N ARG B 8 21.12 -30.55 -13.29
CA ARG B 8 22.35 -29.76 -13.09
C ARG B 8 22.60 -28.79 -14.26
N VAL B 9 21.99 -29.08 -15.40
CA VAL B 9 21.92 -28.08 -16.45
C VAL B 9 21.22 -26.86 -15.87
N VAL B 10 19.91 -26.99 -15.61
CA VAL B 10 19.10 -25.88 -15.03
C VAL B 10 19.75 -25.14 -13.84
N ALA B 11 20.21 -25.90 -12.83
CA ALA B 11 20.83 -25.34 -11.63
C ALA B 11 22.18 -24.61 -11.88
N ALA B 12 22.55 -24.39 -13.14
CA ALA B 12 23.79 -23.67 -13.48
C ALA B 12 23.60 -22.79 -14.74
N VAL B 13 22.48 -22.07 -14.77
CA VAL B 13 22.09 -21.18 -15.87
C VAL B 13 20.94 -20.25 -15.47
N GLU B 58 14.10 -24.75 -24.49
CA GLU B 58 14.57 -26.12 -24.21
C GLU B 58 14.04 -26.67 -22.87
N LYS B 59 13.79 -25.78 -21.91
CA LYS B 59 13.23 -26.16 -20.61
C LYS B 59 11.72 -26.50 -20.68
N LYS B 60 11.43 -27.64 -21.31
CA LYS B 60 10.09 -28.18 -21.29
C LYS B 60 10.09 -29.12 -20.11
N LEU B 61 11.29 -29.35 -19.58
CA LEU B 61 11.50 -30.25 -18.46
C LEU B 61 10.87 -29.67 -17.20
N ASP B 63 8.30 -28.00 -16.41
CA ASP B 63 6.87 -28.05 -16.18
C ASP B 63 6.39 -29.41 -15.71
N SER B 64 7.33 -30.30 -15.45
CA SER B 64 7.00 -31.59 -14.88
C SER B 64 6.86 -31.32 -13.42
N PHE B 65 7.54 -30.26 -13.01
CA PHE B 65 7.56 -29.84 -11.61
C PHE B 65 6.25 -29.23 -11.17
N SER B 66 5.63 -29.85 -10.19
CA SER B 66 4.41 -29.32 -9.67
C SER B 66 4.57 -29.10 -8.18
N PRO B 67 3.85 -28.10 -7.66
CA PRO B 67 3.66 -27.89 -6.24
C PRO B 67 3.33 -29.20 -5.56
N SER B 68 4.17 -29.58 -4.61
CA SER B 68 4.01 -30.85 -3.94
C SER B 68 3.02 -30.74 -2.80
N LEU B 69 1.82 -31.26 -3.01
CA LEU B 69 0.67 -31.00 -2.14
C LEU B 69 0.43 -32.07 -1.07
N SER B 70 0.19 -33.30 -1.53
CA SER B 70 -0.19 -34.41 -0.66
C SER B 70 0.64 -34.51 0.61
N GLN B 71 0.20 -35.36 1.52
CA GLN B 71 0.96 -35.59 2.74
C GLN B 71 2.03 -36.69 2.56
N ASP B 72 2.01 -37.38 1.42
CA ASP B 72 3.05 -38.36 1.07
C ASP B 72 4.38 -37.66 0.81
N LYS B 73 4.31 -36.33 0.66
CA LYS B 73 5.46 -35.46 0.43
C LYS B 73 6.61 -35.76 1.40
N ASP B 75 9.86 -34.20 3.79
CA ASP B 75 9.84 -33.07 4.71
C ASP B 75 10.49 -31.86 4.06
N GLY B 76 9.72 -30.77 3.99
CA GLY B 76 10.19 -29.56 3.36
C GLY B 76 9.98 -29.63 1.87
N GLU B 77 9.34 -30.69 1.39
CA GLU B 77 9.11 -30.80 -0.03
C GLU B 77 8.23 -29.65 -0.54
N PHE B 78 8.69 -28.91 -1.54
CA PHE B 78 7.84 -27.86 -2.07
C PHE B 78 7.49 -28.07 -3.54
N ALA B 79 8.23 -28.96 -4.19
CA ALA B 79 7.91 -29.39 -5.55
C ALA B 79 8.40 -30.81 -5.84
N HIS B 80 7.89 -31.40 -6.91
CA HIS B 80 8.29 -32.74 -7.31
C HIS B 80 8.17 -32.85 -8.83
N ALA B 81 8.88 -33.80 -9.41
CA ALA B 81 8.83 -34.04 -10.86
C ALA B 81 8.88 -35.54 -11.14
N ASN B 82 7.85 -36.07 -11.79
CA ASN B 82 7.87 -37.47 -12.16
C ASN B 82 8.31 -37.69 -13.61
N ILE B 83 9.45 -38.34 -13.79
CA ILE B 83 10.07 -38.43 -15.10
C ILE B 83 10.89 -39.71 -15.31
N ASP B 84 10.39 -40.61 -16.15
CA ASP B 84 11.08 -41.86 -16.48
C ASP B 84 11.42 -42.66 -15.23
N GLY B 85 10.38 -43.08 -14.50
CA GLY B 85 10.56 -43.87 -13.28
C GLY B 85 11.20 -43.03 -12.20
N ILE B 86 12.11 -42.15 -12.63
CA ILE B 86 12.69 -41.17 -11.74
C ILE B 86 11.56 -40.31 -11.17
N SER B 87 11.82 -39.76 -10.00
CA SER B 87 10.93 -38.84 -9.33
C SER B 87 11.90 -37.90 -8.66
N ILE B 88 11.82 -36.62 -8.94
CA ILE B 88 12.71 -35.68 -8.28
C ILE B 88 11.93 -34.90 -7.24
N ARG B 89 12.50 -34.78 -6.04
CA ARG B 89 11.88 -33.97 -5.00
C ARG B 89 12.71 -32.73 -4.73
N LEU B 90 12.04 -31.59 -4.63
CA LEU B 90 12.69 -30.36 -4.22
C LEU B 90 12.33 -30.03 -2.77
N CYS B 91 13.34 -29.92 -1.91
CA CYS B 91 13.06 -29.64 -0.51
C CYS B 91 13.66 -28.35 0.00
N LEU B 92 13.03 -27.79 1.02
CA LEU B 92 13.52 -26.63 1.71
C LEU B 92 13.49 -26.92 3.18
N ASN B 93 14.60 -26.69 3.86
CA ASN B 93 14.65 -26.87 5.31
C ASN B 93 15.47 -25.77 5.98
N LYS B 94 14.75 -24.87 6.65
CA LYS B 94 15.31 -23.64 7.18
C LYS B 94 16.29 -22.95 6.23
N GLY B 95 15.74 -22.42 5.13
CA GLY B 95 16.50 -21.61 4.20
C GLY B 95 17.37 -22.36 3.22
N ILE B 96 17.50 -23.68 3.41
CA ILE B 96 18.39 -24.46 2.58
C ILE B 96 17.65 -25.41 1.68
N CYS B 97 18.14 -25.57 0.45
CA CYS B 97 17.43 -26.31 -0.57
C CYS B 97 18.10 -27.59 -1.02
N SER B 98 17.46 -28.73 -0.75
CA SER B 98 18.00 -30.04 -1.10
C SER B 98 17.29 -30.53 -2.34
N VAL B 99 18.01 -31.34 -3.13
CA VAL B 99 17.38 -32.00 -4.24
C VAL B 99 17.50 -33.48 -4.00
N PHE B 100 16.46 -34.22 -4.35
CA PHE B 100 16.54 -35.65 -4.23
C PHE B 100 16.38 -36.28 -5.59
N TYR B 101 17.50 -36.74 -6.14
CA TYR B 101 17.49 -37.48 -7.37
C TYR B 101 16.85 -38.77 -6.96
N LEU B 102 17.32 -39.23 -5.82
CA LEU B 102 16.79 -40.40 -5.14
C LEU B 102 16.06 -41.46 -5.96
N ASP B 103 16.27 -41.54 -7.27
CA ASP B 103 15.55 -42.54 -8.06
C ASP B 103 16.05 -42.92 -9.44
N GLY B 104 17.04 -43.81 -9.48
CA GLY B 104 17.13 -44.72 -10.61
C GLY B 104 15.85 -45.49 -10.33
N ASP B 105 15.71 -45.87 -9.05
CA ASP B 105 14.46 -46.30 -8.44
C ASP B 105 14.71 -46.84 -7.02
N LYS B 106 15.74 -47.66 -6.87
CA LYS B 106 16.21 -48.03 -5.54
C LYS B 106 17.44 -47.17 -5.22
N ILE B 107 17.74 -46.26 -6.15
CA ILE B 107 18.93 -45.42 -6.04
C ILE B 107 18.55 -44.04 -5.48
N GLN B 108 19.39 -43.47 -4.61
CA GLN B 108 19.17 -42.11 -4.06
C GLN B 108 20.41 -41.19 -4.07
N SER B 109 20.23 -40.00 -4.61
CA SER B 109 21.28 -38.98 -4.54
C SER B 109 20.70 -37.75 -3.87
N THR B 110 21.56 -36.81 -3.50
CA THR B 110 21.10 -35.60 -2.82
C THR B 110 22.24 -34.60 -2.71
N GLN B 111 22.05 -33.39 -3.24
CA GLN B 111 23.01 -32.30 -2.98
C GLN B 111 22.36 -31.12 -2.28
N LEU B 112 23.21 -30.20 -1.86
CA LEU B 112 22.77 -28.98 -1.21
C LEU B 112 23.29 -27.83 -2.07
N SER B 113 22.44 -26.82 -2.34
CA SER B 113 22.84 -25.69 -3.20
C SER B 113 22.87 -24.32 -2.50
N SER B 114 23.66 -23.38 -3.05
CA SER B 114 23.93 -22.10 -2.38
C SER B 114 23.27 -20.85 -3.00
N LYS B 115 23.74 -20.48 -4.18
CA LYS B 115 23.12 -19.43 -4.96
C LYS B 115 22.98 -20.06 -6.33
N GLU B 116 23.15 -21.36 -6.34
CA GLU B 116 22.72 -22.19 -7.44
C GLU B 116 21.23 -22.39 -7.23
N TYR B 117 20.76 -22.11 -6.02
CA TYR B 117 19.35 -22.24 -5.64
C TYR B 117 18.59 -21.09 -6.25
N ASN B 118 19.23 -19.94 -6.26
CA ASN B 118 18.68 -18.81 -6.98
C ASN B 118 18.47 -19.14 -8.46
N ASN B 119 19.38 -19.87 -9.07
CA ASN B 119 19.18 -20.28 -10.46
C ASN B 119 18.02 -21.20 -10.59
N LEU B 120 17.82 -22.04 -9.57
CA LEU B 120 16.73 -22.99 -9.60
C LEU B 120 15.39 -22.27 -9.66
N LEU B 121 15.23 -21.28 -8.79
CA LEU B 121 13.99 -20.52 -8.69
C LEU B 121 13.55 -19.84 -9.99
N SER B 122 14.51 -19.42 -10.82
CA SER B 122 14.16 -18.77 -12.08
C SER B 122 13.71 -19.77 -13.12
N SER B 123 14.38 -20.91 -13.16
CA SER B 123 14.00 -21.98 -14.10
C SER B 123 12.69 -22.71 -13.74
N LEU B 124 12.25 -22.60 -12.49
CA LEU B 124 10.90 -23.04 -12.11
C LEU B 124 9.82 -22.49 -13.05
N PRO B 125 8.73 -23.25 -13.24
CA PRO B 125 7.53 -22.94 -14.02
C PRO B 125 6.61 -21.96 -13.32
N PRO B 126 5.75 -21.26 -14.07
CA PRO B 126 4.78 -20.30 -13.54
C PRO B 126 3.72 -20.89 -12.64
N LYS B 127 4.13 -21.53 -11.56
CA LYS B 127 3.19 -22.09 -10.60
C LYS B 127 3.40 -21.60 -9.16
N GLN B 128 2.36 -21.75 -8.35
CA GLN B 128 2.39 -21.22 -6.99
C GLN B 128 2.96 -22.23 -6.02
N PHE B 129 4.22 -22.04 -5.67
CA PHE B 129 4.93 -22.96 -4.77
C PHE B 129 4.97 -22.50 -3.33
N ASN B 130 5.33 -23.43 -2.45
CA ASN B 130 5.46 -23.08 -1.06
C ASN B 130 6.87 -22.81 -0.65
N LEU B 131 7.44 -21.79 -1.28
CA LEU B 131 8.75 -21.27 -0.85
C LEU B 131 8.49 -20.53 0.45
N GLY B 132 9.51 -19.91 1.02
CA GLY B 132 9.35 -19.28 2.32
C GLY B 132 8.97 -17.82 2.23
N LYS B 133 9.98 -16.97 2.10
CA LYS B 133 9.78 -15.55 1.91
C LYS B 133 9.20 -15.29 0.54
N VAL B 134 8.85 -14.03 0.26
CA VAL B 134 8.60 -13.63 -1.12
C VAL B 134 9.96 -13.47 -1.79
N HIS B 135 10.19 -14.20 -2.86
CA HIS B 135 11.50 -14.21 -3.48
C HIS B 135 11.65 -13.13 -4.56
N THR B 136 12.88 -12.89 -4.93
CA THR B 136 13.21 -11.89 -5.93
C THR B 136 14.00 -12.53 -7.07
N ILE B 137 13.54 -12.31 -8.29
CA ILE B 137 14.15 -12.90 -9.43
C ILE B 137 14.64 -11.78 -10.31
N THR B 138 15.88 -11.91 -10.78
CA THR B 138 16.54 -10.89 -11.61
C THR B 138 16.50 -11.20 -13.11
N ALA B 139 15.82 -10.35 -13.88
CA ALA B 139 15.76 -10.49 -15.34
C ALA B 139 17.11 -10.15 -15.97
N PRO B 140 17.37 -10.68 -17.18
CA PRO B 140 18.63 -10.40 -17.87
C PRO B 140 18.60 -9.01 -18.47
N VAL B 141 19.11 -8.02 -17.74
CA VAL B 141 19.29 -6.66 -18.24
C VAL B 141 19.72 -5.74 -17.12
N SER B 142 20.71 -4.89 -17.38
CA SER B 142 21.15 -3.93 -16.38
C SER B 142 20.01 -2.94 -16.18
N GLY B 143 19.91 -2.40 -14.97
CA GLY B 143 18.83 -1.52 -14.63
C GLY B 143 18.98 -0.13 -15.22
N ASN B 144 17.89 0.62 -15.23
CA ASN B 144 17.92 1.95 -15.83
C ASN B 144 16.91 2.87 -15.16
N PHE B 145 17.45 3.87 -14.47
CA PHE B 145 16.63 4.80 -13.71
C PHE B 145 16.04 5.93 -14.55
N LYS B 146 16.38 5.94 -15.83
CA LYS B 146 15.77 6.87 -16.76
C LYS B 146 14.42 6.33 -17.22
N THR B 147 14.46 5.22 -17.95
CA THR B 147 13.29 4.73 -18.68
C THR B 147 11.95 4.77 -17.97
N HIS B 148 10.94 5.14 -18.75
CA HIS B 148 9.57 5.25 -18.29
C HIS B 148 8.99 3.90 -17.89
N LYS B 149 9.56 2.81 -18.38
CA LYS B 149 8.88 1.50 -18.29
C LYS B 149 9.80 0.32 -17.92
N PRO B 150 9.19 -0.85 -17.62
CA PRO B 150 10.00 -2.04 -17.33
C PRO B 150 10.66 -2.62 -18.59
N ALA B 151 11.93 -2.95 -18.51
CA ALA B 151 12.57 -3.75 -19.56
C ALA B 151 11.67 -4.92 -20.02
N PRO B 152 11.46 -5.07 -21.34
CA PRO B 152 10.71 -6.22 -21.90
C PRO B 152 11.22 -7.63 -21.54
N GLU B 153 12.48 -7.79 -21.11
CA GLU B 153 12.99 -9.08 -20.62
C GLU B 153 12.80 -9.18 -19.11
N VAL B 154 12.30 -8.09 -18.53
CA VAL B 154 11.78 -8.08 -17.19
C VAL B 154 10.32 -8.49 -17.28
N ILE B 155 9.58 -7.86 -18.20
CA ILE B 155 8.19 -8.28 -18.47
C ILE B 155 8.10 -9.78 -18.78
N GLU B 156 9.12 -10.32 -19.43
CA GLU B 156 9.08 -11.73 -19.81
C GLU B 156 9.30 -12.68 -18.62
N THR B 157 10.36 -12.47 -17.85
CA THR B 157 10.65 -13.29 -16.69
C THR B 157 9.61 -13.10 -15.58
N ALA B 158 8.81 -12.04 -15.70
CA ALA B 158 7.76 -11.82 -14.74
C ALA B 158 6.60 -12.73 -15.09
N ILE B 159 6.31 -12.82 -16.38
CA ILE B 159 5.26 -13.71 -16.84
C ILE B 159 5.56 -15.18 -16.58
N ASN B 160 6.82 -15.56 -16.74
CA ASN B 160 7.16 -16.98 -16.77
C ASN B 160 7.74 -17.53 -15.48
N CYS B 161 7.91 -16.69 -14.48
CA CYS B 161 8.52 -17.14 -13.24
C CYS B 161 7.48 -17.60 -12.24
N CYS B 162 7.91 -18.37 -11.25
CA CYS B 162 7.01 -18.88 -10.22
C CYS B 162 6.80 -17.88 -9.10
N THR B 163 5.81 -18.17 -8.27
CA THR B 163 5.46 -17.30 -7.15
C THR B 163 5.44 -18.11 -5.88
N SER B 164 5.65 -17.45 -4.76
CA SER B 164 5.60 -18.15 -3.48
C SER B 164 4.29 -17.90 -2.78
N ILE B 165 3.65 -18.96 -2.31
CA ILE B 165 2.38 -18.79 -1.64
C ILE B 165 2.54 -18.05 -0.35
N ILE B 166 1.52 -17.26 -0.04
CA ILE B 166 1.37 -16.56 1.23
C ILE B 166 0.27 -17.27 2.02
N PRO B 167 0.64 -18.04 3.04
CA PRO B 167 -0.32 -18.84 3.81
C PRO B 167 -1.37 -17.94 4.39
N ASN B 168 -2.59 -18.01 3.89
CA ASN B 168 -3.69 -17.38 4.58
C ASN B 168 -3.95 -18.16 5.87
N ASP B 169 -4.52 -17.50 6.86
CA ASP B 169 -5.00 -18.16 8.07
C ASP B 169 -6.20 -17.36 8.53
N ASP B 170 -5.99 -16.04 8.64
CA ASP B 170 -7.05 -15.10 8.94
C ASP B 170 -7.76 -14.68 7.65
N TYR B 171 -8.57 -15.61 7.13
CA TYR B 171 -9.42 -15.35 5.97
C TYR B 171 -10.49 -14.33 6.33
N PHE B 172 -10.65 -13.35 5.45
CA PHE B 172 -11.68 -12.32 5.56
C PHE B 172 -13.08 -12.90 5.26
N PRO B 173 -14.09 -12.65 6.14
CA PRO B 173 -15.43 -12.98 5.64
C PRO B 173 -15.72 -12.24 4.33
N VAL B 174 -16.83 -12.60 3.69
CA VAL B 174 -17.27 -12.00 2.44
C VAL B 174 -18.04 -10.70 2.66
N LYS B 175 -17.48 -9.56 2.23
CA LYS B 175 -18.20 -8.27 2.35
C LYS B 175 -19.34 -8.13 1.30
N ASP B 176 -20.37 -7.32 1.56
CA ASP B 176 -21.48 -7.18 0.61
C ASP B 176 -21.01 -6.46 -0.66
N THR B 177 -19.82 -5.86 -0.57
CA THR B 177 -19.22 -5.04 -1.62
C THR B 177 -18.29 -5.83 -2.56
N ASP B 178 -18.02 -7.09 -2.22
CA ASP B 178 -17.11 -7.90 -3.01
C ASP B 178 -17.52 -7.99 -4.47
N PHE B 179 -16.59 -7.62 -5.37
CA PHE B 179 -16.81 -7.75 -6.82
C PHE B 179 -17.74 -6.69 -7.44
N ASN B 180 -18.09 -5.64 -6.70
CA ASN B 180 -19.02 -4.68 -7.25
C ASN B 180 -18.43 -4.01 -8.46
N SER B 181 -17.18 -3.58 -8.33
CA SER B 181 -16.42 -2.99 -9.43
C SER B 181 -16.23 -3.87 -10.67
N VAL B 182 -16.59 -5.14 -10.59
CA VAL B 182 -16.11 -6.08 -11.60
C VAL B 182 -16.34 -5.69 -13.05
N TRP B 183 -17.59 -5.50 -13.49
CA TRP B 183 -17.87 -5.09 -14.88
C TRP B 183 -16.98 -3.95 -15.32
N HIS B 184 -17.06 -2.85 -14.59
CA HIS B 184 -16.16 -1.73 -14.83
C HIS B 184 -14.68 -2.14 -14.93
N ASP B 185 -14.19 -2.95 -13.98
CA ASP B 185 -12.80 -3.41 -14.01
C ASP B 185 -12.44 -4.06 -15.38
N ILE B 186 -13.18 -5.07 -15.81
CA ILE B 186 -12.95 -5.61 -17.16
C ILE B 186 -13.01 -4.53 -18.23
N TYR B 187 -14.09 -3.78 -18.29
CA TYR B 187 -14.19 -2.77 -19.33
C TYR B 187 -12.89 -1.95 -19.40
N ARG B 188 -12.43 -1.40 -18.28
CA ARG B 188 -11.23 -0.55 -18.28
C ARG B 188 -9.99 -1.31 -18.73
N ASP B 189 -9.70 -2.40 -18.05
CA ASP B 189 -8.49 -3.13 -18.30
C ASP B 189 -8.34 -3.55 -19.75
N ILE B 190 -9.42 -4.07 -20.36
CA ILE B 190 -9.40 -4.56 -21.74
C ILE B 190 -9.18 -3.45 -22.76
N ARG B 191 -9.83 -2.32 -22.55
CA ARG B 191 -9.70 -1.15 -23.42
C ARG B 191 -8.25 -0.70 -23.51
N ALA B 192 -7.55 -0.72 -22.37
CA ALA B 192 -6.15 -0.32 -22.35
C ALA B 192 -5.21 -1.51 -22.46
N SER B 193 -5.73 -2.66 -22.88
CA SER B 193 -4.94 -3.88 -22.95
C SER B 193 -3.77 -3.76 -23.92
N ASP B 194 -2.68 -4.44 -23.61
CA ASP B 194 -1.56 -4.51 -24.51
C ASP B 194 -1.40 -5.98 -24.81
N SER B 195 -1.45 -6.36 -26.08
CA SER B 195 -1.52 -7.78 -26.45
C SER B 195 -0.39 -8.64 -25.88
N ASN B 196 0.65 -7.98 -25.38
CA ASN B 196 1.79 -8.67 -24.77
C ASN B 196 2.01 -8.36 -23.28
N SER B 197 1.26 -7.42 -22.72
CA SER B 197 1.22 -7.23 -21.28
C SER B 197 0.06 -8.04 -20.71
N THR B 198 -1.01 -8.17 -21.49
CA THR B 198 -2.16 -9.01 -21.11
C THR B 198 -2.58 -10.11 -22.13
N LYS B 199 -2.67 -11.33 -21.63
CA LYS B 199 -2.90 -12.46 -22.48
C LYS B 199 -3.80 -13.37 -21.69
N ILE B 200 -4.75 -14.01 -22.37
CA ILE B 200 -5.73 -14.88 -21.72
C ILE B 200 -5.74 -16.27 -22.36
N TYR B 201 -5.70 -17.31 -21.55
CA TYR B 201 -5.60 -18.65 -22.07
C TYR B 201 -6.74 -19.53 -21.59
N PHE B 202 -7.15 -20.48 -22.42
CA PHE B 202 -8.01 -21.54 -21.94
C PHE B 202 -7.43 -22.88 -22.30
N ASN B 203 -7.29 -23.75 -21.30
CA ASN B 203 -6.57 -24.99 -21.50
C ASN B 203 -5.37 -24.70 -22.39
N ASN B 204 -4.65 -23.64 -22.02
CA ASN B 204 -3.43 -23.25 -22.71
C ASN B 204 -3.57 -22.80 -24.14
N ILE B 205 -4.79 -22.50 -24.57
CA ILE B 205 -4.97 -21.89 -25.87
C ILE B 205 -5.15 -20.39 -25.70
N GLU B 206 -4.38 -19.59 -26.45
CA GLU B 206 -4.48 -18.14 -26.31
C GLU B 206 -5.72 -17.57 -26.98
N ILE B 207 -6.61 -17.01 -26.18
CA ILE B 207 -7.75 -16.32 -26.72
C ILE B 207 -7.28 -14.94 -27.04
N PRO B 208 -7.53 -14.51 -28.28
CA PRO B 208 -7.16 -13.20 -28.83
C PRO B 208 -7.81 -12.07 -28.04
N LEU B 209 -7.02 -11.06 -27.67
CA LEU B 209 -7.53 -9.90 -26.97
C LEU B 209 -8.71 -9.30 -27.68
N LYS B 210 -8.52 -8.95 -28.94
CA LYS B 210 -9.57 -8.26 -29.64
C LYS B 210 -10.81 -9.15 -29.86
N LEU B 211 -10.70 -10.43 -29.55
CA LEU B 211 -11.89 -11.29 -29.55
C LEU B 211 -12.66 -11.18 -28.25
N ILE B 212 -11.94 -11.10 -27.11
CA ILE B 212 -12.63 -10.97 -25.81
C ILE B 212 -13.18 -9.58 -25.64
N ALA B 213 -12.57 -8.60 -26.29
CA ALA B 213 -13.17 -7.27 -26.34
C ALA B 213 -14.55 -7.34 -27.03
N ASP B 214 -14.60 -7.94 -28.22
CA ASP B 214 -15.86 -8.14 -28.91
C ASP B 214 -16.87 -8.96 -28.09
N LEU B 215 -16.37 -9.91 -27.32
CA LEU B 215 -17.23 -10.67 -26.42
C LEU B 215 -17.93 -9.73 -25.43
N ILE B 216 -17.14 -9.01 -24.62
CA ILE B 216 -17.73 -8.19 -23.56
C ILE B 216 -18.67 -7.13 -24.11
N ASN B 217 -18.44 -6.68 -25.32
CA ASN B 217 -19.32 -5.68 -25.86
C ASN B 217 -20.69 -6.28 -26.12
N GLU B 218 -20.71 -7.42 -26.80
CA GLU B 218 -21.94 -8.14 -27.08
C GLU B 218 -22.71 -8.54 -25.82
N LEU B 219 -22.02 -8.69 -24.70
CA LEU B 219 -22.68 -9.05 -23.45
C LEU B 219 -23.28 -7.83 -22.70
N GLY B 220 -22.86 -6.63 -23.10
CA GLY B 220 -23.48 -5.44 -22.60
C GLY B 220 -22.56 -4.59 -21.75
N ILE B 221 -21.41 -5.11 -21.34
CA ILE B 221 -20.50 -4.30 -20.52
C ILE B 221 -19.97 -3.07 -21.32
N ASN B 222 -20.57 -1.89 -21.06
CA ASN B 222 -20.14 -0.59 -21.59
C ASN B 222 -19.91 0.33 -20.41
N GLU B 223 -19.68 1.62 -20.69
CA GLU B 223 -19.64 2.61 -19.61
C GLU B 223 -21.04 2.67 -18.98
N PHE B 224 -22.05 2.86 -19.83
CA PHE B 224 -23.44 2.70 -19.44
C PHE B 224 -23.75 1.23 -19.13
N ILE B 225 -23.57 0.81 -17.87
CA ILE B 225 -24.05 -0.50 -17.41
C ILE B 225 -24.09 -0.55 -15.89
N ASP B 226 -25.08 -1.25 -15.32
CA ASP B 226 -25.27 -1.20 -13.88
C ASP B 226 -24.44 -2.26 -13.16
N SER B 227 -23.56 -1.81 -12.27
CA SER B 227 -22.63 -2.68 -11.55
C SER B 227 -23.30 -3.93 -11.00
N LYS B 228 -24.61 -3.82 -10.79
CA LYS B 228 -25.36 -4.89 -10.14
C LYS B 228 -25.78 -6.01 -11.12
N LYS B 229 -26.16 -5.63 -12.35
CA LYS B 229 -26.84 -6.50 -13.34
C LYS B 229 -26.24 -7.87 -13.56
N GLU B 230 -27.07 -8.92 -13.50
CA GLU B 230 -26.67 -10.26 -13.90
C GLU B 230 -26.77 -10.30 -15.41
N LEU B 231 -25.91 -11.08 -16.05
CA LEU B 231 -25.68 -10.96 -17.49
C LEU B 231 -26.50 -11.93 -18.33
N GLN B 232 -27.31 -11.41 -19.26
CA GLN B 232 -28.01 -12.28 -20.20
C GLN B 232 -26.99 -12.99 -21.05
N LEU B 234 -25.51 -15.32 -24.33
CA LEU B 234 -25.58 -15.10 -25.77
C LEU B 234 -26.15 -16.28 -26.53
N SER B 235 -26.57 -16.03 -27.76
CA SER B 235 -27.08 -17.10 -28.59
C SER B 235 -26.00 -17.56 -29.55
N TYR B 236 -26.07 -18.83 -29.93
CA TYR B 236 -25.13 -19.43 -30.88
C TYR B 236 -24.92 -18.45 -32.01
N ASN B 237 -26.03 -17.92 -32.51
CA ASN B 237 -25.94 -16.91 -33.54
C ASN B 237 -25.03 -15.78 -33.14
N GLN B 238 -25.40 -15.08 -32.07
CA GLN B 238 -24.65 -13.91 -31.62
C GLN B 238 -23.13 -14.12 -31.56
N LEU B 239 -22.68 -15.23 -30.98
CA LEU B 239 -21.24 -15.37 -30.78
C LEU B 239 -20.55 -16.06 -31.95
N ASN B 240 -21.31 -16.83 -32.72
CA ASN B 240 -20.73 -17.50 -33.87
C ASN B 240 -20.20 -16.40 -34.76
N LYS B 241 -20.85 -15.26 -34.69
CA LYS B 241 -20.55 -14.17 -35.60
C LYS B 241 -19.23 -13.52 -35.22
N ILE B 242 -18.98 -13.44 -33.92
CA ILE B 242 -17.75 -12.82 -33.46
C ILE B 242 -16.51 -13.76 -33.53
N ILE B 243 -16.66 -15.06 -33.28
CA ILE B 243 -15.46 -15.88 -33.46
C ILE B 243 -15.09 -15.93 -34.93
N ASN B 244 -15.98 -15.48 -35.82
CA ASN B 244 -15.67 -15.55 -37.26
C ASN B 244 -14.95 -14.31 -37.76
N SER B 245 -15.25 -13.18 -37.15
CA SER B 245 -14.60 -11.93 -37.55
C SER B 245 -13.26 -11.71 -36.83
N ASN B 246 -12.92 -12.62 -35.92
CA ASN B 246 -11.63 -12.57 -35.23
C ASN B 246 -10.70 -13.69 -35.65
N PHE B 247 -11.29 -14.67 -36.33
CA PHE B 247 -10.54 -15.60 -37.14
C PHE B 247 -11.15 -15.50 -38.54
N PRO B 248 -10.87 -14.39 -39.25
CA PRO B 248 -11.42 -14.17 -40.59
C PRO B 248 -11.01 -15.30 -41.53
N GLN B 249 -9.83 -15.85 -41.29
CA GLN B 249 -9.32 -17.01 -42.02
C GLN B 249 -10.22 -18.24 -41.87
N GLN B 250 -9.92 -19.28 -42.62
CA GLN B 250 -10.72 -20.50 -42.54
C GLN B 250 -9.81 -21.73 -42.45
N ASP B 251 -8.61 -21.54 -41.91
CA ASP B 251 -7.67 -22.63 -41.68
C ASP B 251 -8.34 -23.80 -40.98
N LEU B 252 -7.77 -24.99 -41.16
CA LEU B 252 -8.35 -26.20 -40.59
C LEU B 252 -8.14 -26.27 -39.08
N CYS B 253 -7.01 -25.75 -38.59
CA CYS B 253 -6.72 -25.76 -37.16
C CYS B 253 -7.69 -24.86 -36.38
N PHE B 254 -7.79 -23.60 -36.80
CA PHE B 254 -8.75 -22.67 -36.22
C PHE B 254 -10.13 -23.31 -36.13
N GLN B 255 -10.50 -24.10 -37.14
CA GLN B 255 -11.85 -24.66 -37.21
C GLN B 255 -12.25 -25.42 -35.94
N THR B 256 -11.28 -26.05 -35.28
CA THR B 256 -11.54 -26.75 -34.04
C THR B 256 -11.57 -25.78 -32.86
N GLU B 257 -10.54 -24.95 -32.73
CA GLU B 257 -10.54 -23.88 -31.74
C GLU B 257 -11.91 -23.22 -31.67
N LYS B 258 -12.38 -22.80 -32.82
CA LYS B 258 -13.67 -22.15 -32.93
C LYS B 258 -14.81 -23.01 -32.37
N LEU B 259 -14.77 -24.33 -32.53
CA LEU B 259 -15.82 -25.11 -31.89
C LEU B 259 -15.85 -24.83 -30.37
N LEU B 260 -14.70 -24.99 -29.70
CA LEU B 260 -14.59 -24.74 -28.25
C LEU B 260 -15.06 -23.37 -27.81
N PHE B 261 -14.51 -22.36 -28.46
CA PHE B 261 -14.83 -21.00 -28.09
C PHE B 261 -16.29 -20.73 -28.33
N THR B 262 -16.80 -21.16 -29.48
CA THR B 262 -18.22 -21.10 -29.75
C THR B 262 -19.00 -21.62 -28.56
N SER B 263 -18.59 -22.74 -27.98
CA SER B 263 -19.41 -23.32 -26.91
C SER B 263 -19.00 -22.92 -25.47
N LEU B 264 -17.75 -22.52 -25.30
CA LEU B 264 -17.30 -21.93 -24.03
C LEU B 264 -17.99 -20.65 -23.70
N PHE B 265 -18.02 -19.73 -24.67
CA PHE B 265 -18.61 -18.40 -24.48
C PHE B 265 -20.11 -18.43 -24.21
N GLN B 266 -20.68 -19.62 -24.15
CA GLN B 266 -22.08 -19.74 -23.81
C GLN B 266 -22.22 -20.22 -22.37
N ASP B 267 -21.13 -20.73 -21.81
CA ASP B 267 -21.18 -21.19 -20.43
C ASP B 267 -21.08 -20.02 -19.47
N PRO B 268 -22.11 -19.85 -18.62
CA PRO B 268 -22.13 -18.84 -17.57
C PRO B 268 -20.93 -19.03 -16.65
N ALA B 269 -20.73 -20.26 -16.18
CA ALA B 269 -19.58 -20.50 -15.33
C ALA B 269 -18.38 -19.85 -15.97
N PHE B 270 -18.29 -19.94 -17.28
CA PHE B 270 -17.10 -19.49 -17.95
C PHE B 270 -16.96 -18.00 -18.01
N ILE B 271 -17.96 -17.28 -18.46
CA ILE B 271 -17.77 -15.85 -18.43
C ILE B 271 -17.64 -15.32 -17.00
N SER B 272 -18.16 -16.09 -16.03
CA SER B 272 -17.94 -15.78 -14.60
C SER B 272 -16.45 -15.86 -14.29
N ALA B 273 -15.87 -17.03 -14.55
CA ALA B 273 -14.45 -17.23 -14.35
C ALA B 273 -13.66 -16.15 -15.06
N LEU B 274 -13.98 -15.89 -16.33
CA LEU B 274 -13.25 -14.89 -17.12
C LEU B 274 -13.35 -13.47 -16.60
N THR B 275 -14.54 -13.03 -16.21
CA THR B 275 -14.69 -11.65 -15.71
C THR B 275 -14.09 -11.43 -14.33
N SER B 276 -14.22 -12.44 -13.47
CA SER B 276 -13.76 -12.35 -12.07
C SER B 276 -12.24 -12.09 -11.97
N ALA B 277 -11.47 -12.69 -12.87
CA ALA B 277 -10.04 -12.56 -12.85
C ALA B 277 -9.64 -11.11 -12.88
N PHE B 278 -10.60 -10.23 -13.18
CA PHE B 278 -10.33 -8.79 -13.33
C PHE B 278 -10.73 -7.90 -12.14
N TRP B 279 -11.54 -8.45 -11.23
CA TRP B 279 -11.90 -7.69 -10.07
C TRP B 279 -10.65 -7.14 -9.43
N GLN B 280 -10.66 -5.84 -9.16
CA GLN B 280 -9.44 -5.13 -8.70
C GLN B 280 -8.84 -5.62 -7.38
N SER B 281 -9.68 -6.11 -6.47
CA SER B 281 -9.20 -6.47 -5.15
C SER B 281 -9.29 -7.95 -4.98
N LEU B 282 -9.17 -8.66 -6.09
CA LEU B 282 -9.26 -10.12 -6.11
C LEU B 282 -8.29 -10.76 -5.14
N HIS B 283 -7.12 -10.15 -5.00
CA HIS B 283 -6.01 -10.75 -4.26
C HIS B 283 -5.94 -10.40 -2.77
N ILE B 284 -6.68 -9.38 -2.36
CA ILE B 284 -6.73 -8.99 -0.96
C ILE B 284 -7.69 -9.86 -0.16
N THR B 285 -7.13 -10.87 0.51
CA THR B 285 -7.91 -11.98 1.04
C THR B 285 -7.68 -12.28 2.50
N SER B 286 -6.63 -11.73 3.09
CA SER B 286 -6.32 -12.00 4.50
C SER B 286 -5.35 -10.97 5.05
N SER B 287 -5.30 -10.86 6.36
CA SER B 287 -4.32 -9.98 6.99
C SER B 287 -2.91 -10.41 6.60
N SER B 288 -2.70 -11.72 6.49
CA SER B 288 -1.37 -12.21 6.19
C SER B 288 -0.99 -11.67 4.84
N VAL B 289 -1.90 -11.72 3.89
CA VAL B 289 -1.58 -11.20 2.58
C VAL B 289 -1.48 -9.71 2.65
N GLU B 290 -2.45 -9.09 3.31
CA GLU B 290 -2.46 -7.63 3.39
C GLU B 290 -1.16 -7.11 3.95
N HIS B 291 -0.56 -7.88 4.86
CA HIS B 291 0.73 -7.53 5.41
C HIS B 291 1.81 -7.53 4.34
N ILE B 292 1.92 -8.60 3.55
CA ILE B 292 2.93 -8.67 2.50
C ILE B 292 2.73 -7.56 1.49
N TYR B 293 1.49 -7.41 1.05
CA TYR B 293 1.17 -6.44 0.04
C TYR B 293 1.64 -5.04 0.48
N ALA B 294 1.11 -4.57 1.58
CA ALA B 294 1.57 -3.33 2.18
C ALA B 294 3.10 -3.27 2.33
N GLN B 295 3.72 -4.35 2.79
CA GLN B 295 5.18 -4.26 2.93
C GLN B 295 5.69 -3.86 1.56
N ILE B 296 5.22 -4.54 0.53
CA ILE B 296 5.71 -4.30 -0.82
C ILE B 296 5.41 -2.90 -1.34
N SER B 298 4.89 -0.23 0.08
CA SER B 298 5.74 0.74 0.77
C SER B 298 7.14 0.73 0.22
N GLU B 299 7.73 -0.46 0.11
CA GLU B 299 9.08 -0.67 -0.38
C GLU B 299 9.21 -0.11 -1.77
N ASN B 300 8.06 -0.10 -2.45
CA ASN B 300 7.96 0.51 -3.77
C ASN B 300 8.05 2.02 -3.69
N ILE B 301 7.19 2.65 -2.90
CA ILE B 301 7.30 4.07 -2.64
C ILE B 301 8.74 4.48 -2.21
N GLU B 302 9.25 3.87 -1.15
CA GLU B 302 10.54 4.26 -0.60
C GLU B 302 11.63 4.13 -1.65
N ASN B 303 11.39 3.33 -2.69
CA ASN B 303 12.41 3.11 -3.69
C ASN B 303 12.31 4.09 -4.84
N ARG B 304 11.08 4.29 -5.31
CA ARG B 304 10.78 5.34 -6.27
C ARG B 304 11.28 6.70 -5.76
N LEU B 305 11.44 6.82 -4.44
CA LEU B 305 11.77 8.09 -3.81
C LEU B 305 13.27 8.30 -3.64
N ASN B 306 13.98 7.19 -3.46
CA ASN B 306 15.42 7.21 -3.28
C ASN B 306 16.19 6.94 -4.56
N PHE B 307 15.49 6.80 -5.68
CA PHE B 307 16.15 6.42 -6.92
C PHE B 307 15.60 7.13 -8.16
N PRO B 309 12.84 9.88 -8.44
CA PRO B 309 11.77 10.84 -8.13
C PRO B 309 11.42 11.66 -9.36
N GLU B 310 10.14 11.74 -9.69
CA GLU B 310 9.68 12.45 -10.87
C GLU B 310 10.26 11.82 -12.13
N ASN B 315 3.40 1.80 -14.53
CA ASN B 315 1.99 1.79 -14.08
C ASN B 315 1.15 0.61 -14.61
N ASN B 316 -0.06 0.95 -15.08
CA ASN B 316 -1.03 0.05 -15.73
C ASN B 316 -0.77 -1.46 -15.68
N CYS B 317 0.41 -1.86 -16.18
CA CYS B 317 0.80 -3.26 -16.33
C CYS B 317 -0.27 -4.30 -15.98
N GLY B 318 -0.50 -5.20 -16.94
CA GLY B 318 -1.73 -5.95 -16.97
C GLY B 318 -1.77 -7.36 -16.44
N HIS B 319 -2.67 -8.14 -17.02
CA HIS B 319 -3.10 -9.40 -16.46
C HIS B 319 -2.61 -10.59 -17.28
N ILE B 320 -2.12 -11.62 -16.61
CA ILE B 320 -2.06 -12.91 -17.26
C ILE B 320 -3.05 -13.87 -16.63
N ILE B 321 -4.11 -14.15 -17.36
CA ILE B 321 -5.19 -15.01 -16.91
C ILE B 321 -5.13 -16.35 -17.61
N LYS B 322 -5.11 -17.43 -16.82
CA LYS B 322 -5.07 -18.78 -17.35
C LYS B 322 -6.29 -19.51 -16.80
N ILE B 323 -7.17 -19.94 -17.68
CA ILE B 323 -8.37 -20.68 -17.29
C ILE B 323 -8.36 -22.12 -17.83
N ASN B 324 -8.56 -23.09 -16.94
CA ASN B 324 -8.65 -24.48 -17.34
C ASN B 324 -9.93 -25.04 -16.84
N ALA B 325 -10.60 -25.83 -17.67
CA ALA B 325 -11.78 -26.57 -17.25
C ALA B 325 -11.34 -27.77 -16.41
N VAL B 326 -12.22 -28.25 -15.54
CA VAL B 326 -11.88 -29.45 -14.78
C VAL B 326 -13.12 -30.17 -14.27
N VAL B 327 -12.90 -31.30 -13.59
CA VAL B 327 -13.97 -32.22 -13.19
C VAL B 327 -14.70 -31.84 -11.90
N PRO B 328 -15.98 -31.42 -12.01
CA PRO B 328 -16.82 -31.05 -10.85
C PRO B 328 -16.96 -32.19 -9.82
N GLY B 339 -23.31 -27.68 -15.78
CA GLY B 339 -22.38 -28.14 -16.79
C GLY B 339 -20.99 -28.62 -16.33
N ARG B 340 -20.03 -27.70 -16.29
CA ARG B 340 -18.62 -28.04 -16.04
C ARG B 340 -17.94 -26.89 -15.29
N ALA B 341 -16.98 -27.22 -14.41
CA ALA B 341 -16.32 -26.24 -13.52
C ALA B 341 -14.91 -25.79 -13.97
N TYR B 342 -14.54 -24.54 -13.65
CA TYR B 342 -13.28 -23.97 -14.14
C TYR B 342 -12.29 -23.51 -13.08
N GLU B 343 -11.03 -23.88 -13.27
CA GLU B 343 -9.98 -23.45 -12.37
C GLU B 343 -9.25 -22.30 -13.05
N VAL B 344 -9.13 -21.21 -12.32
CA VAL B 344 -8.71 -19.97 -12.90
C VAL B 344 -7.42 -19.46 -12.23
N SER B 345 -6.62 -18.71 -12.96
CA SER B 345 -5.45 -18.13 -12.35
C SER B 345 -5.25 -16.78 -12.97
N SER B 346 -5.14 -15.78 -12.08
CA SER B 346 -5.09 -14.40 -12.50
C SER B 346 -3.88 -13.78 -11.85
N SER B 347 -2.79 -13.70 -12.60
CA SER B 347 -1.58 -13.02 -12.14
C SER B 347 -1.68 -11.61 -12.66
N ILE B 348 -1.35 -10.65 -11.80
CA ILE B 348 -1.39 -9.25 -12.17
C ILE B 348 0.06 -8.73 -12.06
N LEU B 349 0.44 -7.76 -12.90
CA LEU B 349 1.84 -7.37 -12.95
C LEU B 349 2.12 -5.92 -12.63
N PRO B 350 1.81 -5.48 -11.40
CA PRO B 350 2.05 -4.08 -11.02
C PRO B 350 3.51 -3.69 -11.20
N SER B 351 3.79 -2.45 -11.64
CA SER B 351 5.19 -1.98 -11.74
C SER B 351 5.75 -1.75 -10.36
N HIS B 352 6.96 -2.23 -10.12
CA HIS B 352 7.57 -2.13 -8.78
C HIS B 352 9.05 -1.77 -8.81
N ILE B 353 9.41 -0.64 -8.21
CA ILE B 353 10.80 -0.21 -8.33
C ILE B 353 11.69 -1.00 -7.42
N THR B 354 12.59 -1.77 -8.03
CA THR B 354 13.64 -2.42 -7.29
C THR B 354 14.74 -1.39 -7.15
N CYS B 355 15.90 -1.81 -6.65
CA CYS B 355 17.03 -0.90 -6.47
C CYS B 355 17.99 -0.86 -7.67
N ASN B 356 18.01 -1.94 -8.45
CA ASN B 356 18.76 -1.97 -9.69
C ASN B 356 17.95 -1.33 -10.81
N GLY B 357 16.78 -0.80 -10.51
CA GLY B 357 16.02 -0.13 -11.53
C GLY B 357 14.55 -0.42 -11.42
N VAL B 358 13.85 -0.40 -12.56
CA VAL B 358 12.41 -0.59 -12.54
C VAL B 358 11.97 -2.01 -12.88
N GLY B 359 11.50 -2.73 -11.87
CA GLY B 359 11.05 -4.09 -12.05
C GLY B 359 9.54 -4.28 -11.89
N ILE B 360 9.14 -5.48 -11.53
CA ILE B 360 7.73 -5.70 -11.33
C ILE B 360 7.41 -6.70 -10.21
N ASN B 361 6.28 -6.45 -9.56
CA ASN B 361 5.74 -7.27 -8.50
C ASN B 361 4.63 -8.16 -9.05
N LYS B 362 4.92 -9.43 -9.27
CA LYS B 362 3.90 -10.39 -9.70
C LYS B 362 3.08 -10.89 -8.52
N ILE B 363 1.75 -10.77 -8.66
CA ILE B 363 0.78 -11.19 -7.67
C ILE B 363 -0.21 -12.12 -8.33
N GLU B 364 -0.09 -13.41 -8.05
CA GLU B 364 -0.94 -14.40 -8.68
C GLU B 364 -1.92 -14.92 -7.66
N THR B 365 -3.17 -14.96 -8.09
CA THR B 365 -4.28 -15.38 -7.23
C THR B 365 -5.15 -16.33 -8.04
N SER B 366 -5.46 -17.48 -7.46
CA SER B 366 -6.18 -18.52 -8.18
C SER B 366 -7.30 -19.08 -7.33
N TYR B 367 -8.26 -19.73 -7.99
CA TYR B 367 -9.46 -20.14 -7.33
C TYR B 367 -10.20 -21.16 -8.16
N LEU B 368 -11.38 -21.55 -7.70
CA LEU B 368 -12.24 -22.43 -8.47
C LEU B 368 -13.59 -21.78 -8.67
N VAL B 369 -13.96 -21.53 -9.93
CA VAL B 369 -15.32 -21.11 -10.27
C VAL B 369 -16.13 -22.37 -10.49
N HIS B 370 -17.09 -22.65 -9.61
CA HIS B 370 -17.79 -23.93 -9.66
C HIS B 370 -18.89 -23.89 -10.71
N ALA B 371 -19.42 -25.05 -11.04
CA ALA B 371 -20.21 -25.25 -12.26
C ALA B 371 -21.41 -24.34 -12.45
N GLY B 372 -22.21 -24.18 -11.41
CA GLY B 372 -23.36 -23.31 -11.50
C GLY B 372 -22.99 -21.88 -11.85
N THR B 373 -22.53 -21.14 -10.83
CA THR B 373 -22.02 -19.77 -10.93
C THR B 373 -22.55 -18.91 -12.08
N LEU B 374 -23.24 -17.83 -11.75
CA LEU B 374 -23.76 -16.93 -12.76
C LEU B 374 -23.09 -15.59 -12.59
N PRO B 375 -22.85 -14.91 -13.70
CA PRO B 375 -22.09 -13.68 -13.84
C PRO B 375 -22.82 -12.51 -13.25
N SER B 376 -22.75 -12.31 -11.93
CA SER B 376 -23.15 -11.03 -11.32
C SER B 376 -22.17 -10.70 -10.20
N SER B 377 -22.16 -9.44 -9.75
CA SER B 377 -21.28 -9.18 -8.64
C SER B 377 -21.75 -10.04 -7.47
N GLU B 378 -22.98 -10.54 -7.54
CA GLU B 378 -23.52 -11.32 -6.42
C GLU B 378 -23.07 -12.77 -6.48
N GLY B 379 -23.35 -13.41 -7.61
CA GLY B 379 -22.99 -14.80 -7.80
C GLY B 379 -21.52 -15.01 -7.61
N LEU B 380 -20.75 -14.03 -8.06
CA LEU B 380 -19.30 -14.09 -7.99
C LEU B 380 -18.74 -14.09 -6.58
N ARG B 381 -19.29 -13.23 -5.73
CA ARG B 381 -18.71 -12.99 -4.43
C ARG B 381 -19.02 -14.12 -3.49
N ASN B 382 -20.02 -14.90 -3.85
CA ASN B 382 -20.45 -16.07 -3.08
C ASN B 382 -19.77 -17.35 -3.58
N ALA B 383 -19.53 -17.39 -4.89
CA ALA B 383 -18.88 -18.50 -5.54
C ALA B 383 -17.35 -18.49 -5.33
N ILE B 384 -16.80 -17.31 -5.10
CA ILE B 384 -15.38 -17.14 -4.96
C ILE B 384 -15.06 -16.32 -3.74
N PRO B 385 -15.46 -16.84 -2.55
CA PRO B 385 -15.36 -16.11 -1.28
C PRO B 385 -13.89 -15.88 -1.02
N PRO B 386 -13.50 -14.87 -0.24
CA PRO B 386 -12.08 -14.74 0.08
C PRO B 386 -11.49 -16.05 0.58
N GLU B 387 -12.26 -16.80 1.36
CA GLU B 387 -11.75 -18.02 1.96
C GLU B 387 -11.14 -19.01 0.95
N SER B 388 -11.43 -18.85 -0.34
CA SER B 388 -11.16 -19.88 -1.37
C SER B 388 -10.15 -19.47 -2.43
N ARG B 389 -9.67 -18.23 -2.36
CA ARG B 389 -8.68 -17.72 -3.29
C ARG B 389 -7.29 -18.00 -2.70
N GLN B 390 -6.30 -18.28 -3.55
CA GLN B 390 -4.94 -18.54 -3.06
C GLN B 390 -3.90 -17.62 -3.70
N VAL B 391 -3.16 -16.88 -2.86
CA VAL B 391 -2.39 -15.75 -3.35
C VAL B 391 -0.90 -15.94 -3.10
N SER B 392 -0.09 -15.54 -4.08
CA SER B 392 1.37 -15.65 -4.04
C SER B 392 2.07 -14.46 -4.71
N PHE B 393 3.28 -14.15 -4.26
CA PHE B 393 4.02 -13.02 -4.79
C PHE B 393 5.35 -13.43 -5.39
N ALA B 394 5.80 -12.63 -6.35
CA ALA B 394 7.20 -12.61 -6.72
C ALA B 394 7.67 -11.19 -6.97
N ILE B 395 8.95 -10.95 -6.79
CA ILE B 395 9.50 -9.71 -7.29
C ILE B 395 10.39 -10.00 -8.47
N ILE B 396 10.26 -9.19 -9.51
CA ILE B 396 11.15 -9.32 -10.66
C ILE B 396 11.90 -8.01 -10.84
N SER B 397 13.21 -8.09 -10.67
CA SER B 397 14.10 -6.94 -10.66
C SER B 397 15.12 -7.00 -11.81
N PRO B 398 15.37 -5.87 -12.49
CA PRO B 398 16.45 -5.82 -13.48
C PRO B 398 17.80 -6.09 -12.85
N ASP B 399 18.84 -5.52 -13.45
CA ASP B 399 20.20 -5.71 -12.95
C ASP B 399 21.07 -4.47 -13.20
#